data_3I5O
#
_entry.id   3I5O
#
_cell.length_a   62.110
_cell.length_b   101.460
_cell.length_c   108.290
_cell.angle_alpha   90.000
_cell.angle_beta   94.070
_cell.angle_gamma   90.000
#
_symmetry.space_group_name_H-M   'P 1 21 1'
#
loop_
_entity.id
_entity.type
_entity.pdbx_description
1 polymer 'Oligopeptide ABC transporter, periplasmic oligopeptide-binding protein'
2 branched beta-D-glucopyranose-(1-4)-beta-D-glucopyranose-(1-4)-beta-D-glucopyranose-(1-4)-beta-D-glucopyranose-(1-4)-beta-D-glucopyranose
3 water water
#
_entity_poly.entity_id   1
_entity_poly.type   'polypeptide(L)'
_entity_poly.pdbx_seq_one_letter_code
;MQVSLPREDTVYIGGALWGPATTWNLYAPQSTWGTDQFMYLPAFQYDLGRDAWIPVIAERYEFVDDKTLRIYIRPEARWS
DGVPITADDFVYALELTKELGIGPGGGWDTYIEYVKAVDTKVVEFKAKEENLNYFQFLSYSLGAQPMPKHVYERIRAQMN
IKDWINDKPEEQVVSGPYKLYYYDPNIVVYQRVDDWWGKDIFGLPRPKYLAHVIYKDNPSASLAFERGDIDWNGLFIPSV
WELWEKKGLPVGTWYKKEPYFIPDGVGFVYVNNTKPGLSDPAVRKAIAYAIPYNEMLKKAYFGYGSQAHPSMVIDLFEPY
KQYIDYELAKKTFGTEDGRIPFDLDMANKILDEAGYKKGPDGVRVGPDGTKLGPYTISVPYGWTDWMMMCEMIAKNLRSI
GIDVKTEFPDFSVWADRMTKGTFDLIISWSVGPSFDHPFNIYRFVLDKRLSKPVGEVTWAGDWERYDNDEVVELLDKAVS
TLDPEVRKQAYFRIQQIIYRDMPSIPAFYTAHWYEYSTKYWINWPSEDNPAWFRPSPWHADAWPTLFIISKKSDPQPVPS
WLGTVDEGGIEIPTAKIFEDLQKATMHHHHHH
;
_entity_poly.pdbx_strand_id   A,B
#
loop_
_chem_comp.id
_chem_comp.type
_chem_comp.name
_chem_comp.formula
BGC D-saccharide, beta linking beta-D-glucopyranose 'C6 H12 O6'
#
# COMPACT_ATOMS: atom_id res chain seq x y z
N SER A 4 13.64 -34.78 -10.93
CA SER A 4 14.97 -35.26 -11.30
C SER A 4 15.92 -35.28 -10.10
N LEU A 5 15.85 -34.25 -9.26
CA LEU A 5 16.70 -34.15 -8.08
C LEU A 5 16.05 -34.82 -6.87
N PRO A 6 16.84 -35.57 -6.09
CA PRO A 6 16.33 -36.20 -4.86
C PRO A 6 15.96 -35.12 -3.85
N ARG A 7 14.68 -35.01 -3.52
CA ARG A 7 14.19 -33.90 -2.70
C ARG A 7 14.90 -33.77 -1.35
N GLU A 8 15.15 -34.89 -0.68
CA GLU A 8 15.70 -34.84 0.67
C GLU A 8 17.20 -34.51 0.66
N ASP A 9 17.81 -34.54 -0.51
CA ASP A 9 19.24 -34.27 -0.63
C ASP A 9 19.47 -32.98 -1.39
N THR A 10 18.40 -32.22 -1.57
CA THR A 10 18.47 -30.95 -2.28
C THR A 10 18.01 -29.79 -1.40
N VAL A 11 18.77 -28.70 -1.40
CA VAL A 11 18.30 -27.45 -0.82
C VAL A 11 17.81 -26.56 -1.96
N TYR A 12 16.51 -26.24 -1.94
CA TYR A 12 15.93 -25.33 -2.90
C TYR A 12 16.01 -23.91 -2.35
N ILE A 13 16.40 -23.00 -3.21
CA ILE A 13 16.73 -21.64 -2.79
C ILE A 13 15.86 -20.62 -3.52
N GLY A 14 15.55 -19.53 -2.83
CA GLY A 14 14.82 -18.43 -3.40
C GLY A 14 15.47 -17.08 -3.08
N GLY A 15 15.16 -16.08 -3.89
CA GLY A 15 15.57 -14.71 -3.62
C GLY A 15 17.03 -14.36 -3.83
N ALA A 16 17.82 -15.25 -4.43
CA ALA A 16 19.26 -14.96 -4.60
C ALA A 16 19.65 -14.76 -6.06
N LEU A 17 18.96 -15.48 -6.93
CA LEU A 17 19.15 -15.45 -8.37
C LEU A 17 17.94 -14.80 -9.02
N TRP A 18 18.15 -13.67 -9.65
CA TRP A 18 17.10 -12.95 -10.38
C TRP A 18 17.57 -12.72 -11.80
N GLY A 19 16.67 -12.90 -12.75
CA GLY A 19 17.05 -12.88 -14.16
C GLY A 19 17.75 -14.16 -14.57
N PRO A 20 18.16 -14.25 -15.84
CA PRO A 20 18.76 -15.49 -16.35
C PRO A 20 20.17 -15.74 -15.80
N ALA A 21 20.61 -16.99 -15.80
CA ALA A 21 22.02 -17.26 -15.55
C ALA A 21 22.82 -16.52 -16.61
N THR A 22 24.04 -16.16 -16.29
CA THR A 22 24.89 -15.45 -17.23
C THR A 22 26.17 -16.25 -17.45
N THR A 23 27.13 -16.12 -16.54
CA THR A 23 28.36 -16.91 -16.61
C THR A 23 28.73 -17.47 -15.24
N TRP A 24 29.82 -18.24 -15.20
CA TRP A 24 30.41 -18.70 -13.95
C TRP A 24 31.86 -18.24 -13.93
N ASN A 25 32.05 -17.01 -14.42
CA ASN A 25 33.35 -16.41 -14.63
C ASN A 25 33.42 -15.05 -13.94
N LEU A 26 34.21 -14.95 -12.88
CA LEU A 26 34.25 -13.72 -12.08
C LEU A 26 34.90 -12.55 -12.78
N TYR A 27 35.47 -12.80 -13.96
CA TYR A 27 36.08 -11.75 -14.77
C TYR A 27 35.14 -11.26 -15.88
N ALA A 28 33.96 -11.87 -15.98
CA ALA A 28 32.96 -11.45 -16.95
C ALA A 28 32.13 -10.30 -16.39
N PRO A 29 31.48 -9.53 -17.27
CA PRO A 29 30.68 -8.37 -16.84
C PRO A 29 29.59 -8.76 -15.86
N GLN A 30 29.03 -9.95 -16.01
CA GLN A 30 28.09 -10.50 -15.03
C GLN A 30 28.38 -11.96 -14.83
N SER A 31 28.23 -12.41 -13.59
CA SER A 31 28.30 -13.83 -13.29
C SER A 31 27.07 -14.25 -12.48
N THR A 32 26.88 -15.56 -12.38
CA THR A 32 25.65 -16.13 -11.85
C THR A 32 25.77 -16.40 -10.36
N TRP A 33 24.71 -16.09 -9.61
CA TRP A 33 24.66 -16.40 -8.20
C TRP A 33 25.18 -17.81 -7.95
N GLY A 34 26.05 -17.95 -6.96
CA GLY A 34 26.62 -19.24 -6.61
C GLY A 34 28.08 -19.32 -6.99
N THR A 35 28.47 -18.54 -8.00
CA THR A 35 29.86 -18.59 -8.49
C THR A 35 30.85 -18.15 -7.40
N ASP A 36 30.69 -16.94 -6.90
CA ASP A 36 31.57 -16.46 -5.86
C ASP A 36 31.24 -17.15 -4.54
N GLN A 37 29.95 -17.32 -4.24
CA GLN A 37 29.57 -17.84 -2.96
C GLN A 37 30.14 -19.24 -2.68
N PHE A 38 30.04 -20.14 -3.66
CA PHE A 38 30.30 -21.56 -3.39
C PHE A 38 31.44 -22.17 -4.21
N MET A 39 31.74 -21.60 -5.37
CA MET A 39 32.76 -22.19 -6.25
C MET A 39 34.20 -21.76 -5.98
N TYR A 40 34.39 -20.51 -5.55
CA TYR A 40 35.71 -19.96 -5.35
C TYR A 40 35.86 -19.39 -3.96
N LEU A 41 36.61 -20.08 -3.11
CA LEU A 41 36.78 -19.71 -1.71
C LEU A 41 38.01 -18.80 -1.50
N PRO A 42 38.06 -18.12 -0.35
CA PRO A 42 39.19 -17.25 0.00
C PRO A 42 40.26 -17.95 0.85
N ALA A 43 41.39 -17.26 1.02
CA ALA A 43 42.46 -17.72 1.90
C ALA A 43 41.93 -17.83 3.33
N PHE A 44 41.36 -16.74 3.82
CA PHE A 44 40.66 -16.71 5.10
C PHE A 44 39.25 -16.19 4.88
N GLN A 45 38.29 -16.80 5.57
CA GLN A 45 36.90 -16.34 5.54
C GLN A 45 36.57 -15.48 6.76
N TYR A 46 36.27 -14.20 6.56
CA TYR A 46 35.88 -13.36 7.68
C TYR A 46 34.54 -13.82 8.27
N ASP A 47 34.50 -13.87 9.59
CA ASP A 47 33.32 -14.27 10.35
C ASP A 47 32.84 -13.05 11.15
N LEU A 48 31.88 -12.34 10.59
CA LEU A 48 31.38 -11.13 11.20
C LEU A 48 30.78 -11.41 12.58
N GLY A 49 30.08 -12.54 12.69
CA GLY A 49 29.42 -12.89 13.93
C GLY A 49 30.36 -13.04 15.10
N ARG A 50 31.57 -13.52 14.85
CA ARG A 50 32.56 -13.74 15.91
C ARG A 50 33.72 -12.75 15.86
N ASP A 51 33.67 -11.83 14.90
CA ASP A 51 34.81 -10.98 14.59
C ASP A 51 36.11 -11.79 14.56
N ALA A 52 36.13 -12.79 13.69
CA ALA A 52 37.27 -13.70 13.61
C ALA A 52 37.41 -14.18 12.18
N TRP A 53 38.48 -14.90 11.91
CA TRP A 53 38.79 -15.33 10.56
C TRP A 53 39.01 -16.84 10.52
N ILE A 54 38.27 -17.51 9.65
CA ILE A 54 38.45 -18.94 9.42
C ILE A 54 39.59 -19.14 8.41
N PRO A 55 40.64 -19.90 8.78
CA PRO A 55 41.64 -20.24 7.77
C PRO A 55 41.04 -21.29 6.84
N VAL A 56 40.81 -20.91 5.58
CA VAL A 56 40.16 -21.80 4.63
C VAL A 56 41.20 -22.39 3.69
N ILE A 57 41.49 -21.73 2.56
N ILE A 57 41.46 -21.72 2.57
CA ILE A 57 42.54 -22.21 1.67
CA ILE A 57 42.52 -22.15 1.66
C ILE A 57 43.90 -22.04 2.35
C ILE A 57 43.88 -22.03 2.35
N ALA A 58 44.01 -21.02 3.19
CA ALA A 58 45.23 -20.81 3.98
C ALA A 58 45.09 -21.52 5.33
N GLU A 59 46.21 -21.97 5.88
CA GLU A 59 46.17 -22.55 7.22
C GLU A 59 46.68 -21.61 8.30
N ARG A 60 47.49 -20.62 7.90
CA ARG A 60 48.06 -19.67 8.84
C ARG A 60 48.71 -18.49 8.12
N TYR A 61 49.05 -17.46 8.87
CA TYR A 61 49.78 -16.30 8.35
C TYR A 61 50.97 -16.03 9.25
N GLU A 62 51.91 -15.24 8.76
CA GLU A 62 53.03 -14.77 9.56
C GLU A 62 53.44 -13.40 9.06
N PHE A 63 53.49 -12.42 9.95
CA PHE A 63 54.01 -11.11 9.59
C PHE A 63 55.54 -11.14 9.57
N VAL A 64 56.12 -10.79 8.43
CA VAL A 64 57.56 -10.61 8.34
C VAL A 64 57.92 -9.28 8.99
N ASP A 65 57.13 -8.26 8.69
CA ASP A 65 57.09 -7.05 9.49
C ASP A 65 55.66 -6.51 9.45
N ASP A 66 55.44 -5.30 9.95
CA ASP A 66 54.06 -4.83 10.05
C ASP A 66 53.44 -4.55 8.67
N LYS A 67 54.29 -4.49 7.65
CA LYS A 67 53.84 -4.16 6.30
C LYS A 67 54.02 -5.31 5.31
N THR A 68 54.42 -6.47 5.82
CA THR A 68 54.75 -7.61 4.95
C THR A 68 54.18 -8.88 5.55
N LEU A 69 53.19 -9.44 4.86
CA LEU A 69 52.42 -10.56 5.39
C LEU A 69 52.54 -11.80 4.52
N ARG A 70 52.95 -12.91 5.13
CA ARG A 70 52.97 -14.17 4.42
C ARG A 70 51.76 -15.02 4.77
N ILE A 71 51.20 -15.66 3.76
CA ILE A 71 50.03 -16.51 3.95
C ILE A 71 50.43 -17.90 3.47
N TYR A 72 50.20 -18.89 4.32
CA TYR A 72 50.63 -20.25 4.08
C TYR A 72 49.45 -21.11 3.64
N ILE A 73 49.51 -21.54 2.38
CA ILE A 73 48.43 -22.31 1.78
C ILE A 73 48.46 -23.73 2.32
N ARG A 74 47.28 -24.27 2.65
CA ARG A 74 47.23 -25.64 3.14
C ARG A 74 47.81 -26.60 2.13
N PRO A 75 48.64 -27.56 2.59
CA PRO A 75 49.15 -28.59 1.69
C PRO A 75 48.02 -29.31 0.96
N GLU A 76 46.88 -29.45 1.62
CA GLU A 76 45.72 -30.16 1.09
C GLU A 76 44.94 -29.38 0.04
N ALA A 77 45.10 -28.07 0.01
CA ALA A 77 44.29 -27.24 -0.89
C ALA A 77 44.59 -27.52 -2.36
N ARG A 78 43.56 -27.95 -3.08
CA ARG A 78 43.70 -28.49 -4.42
C ARG A 78 42.46 -28.17 -5.25
N TRP A 79 42.67 -27.70 -6.48
CA TRP A 79 41.56 -27.46 -7.39
C TRP A 79 40.81 -28.76 -7.66
N SER A 80 39.55 -28.65 -8.08
CA SER A 80 38.74 -29.85 -8.30
C SER A 80 39.23 -30.77 -9.43
N ASP A 81 40.19 -30.29 -10.23
CA ASP A 81 40.76 -31.14 -11.27
C ASP A 81 42.02 -31.87 -10.79
N GLY A 82 42.39 -31.66 -9.53
CA GLY A 82 43.53 -32.32 -8.93
C GLY A 82 44.79 -31.47 -8.83
N VAL A 83 44.80 -30.31 -9.49
CA VAL A 83 45.99 -29.46 -9.48
C VAL A 83 46.07 -28.73 -8.14
N PRO A 84 47.23 -28.80 -7.47
CA PRO A 84 47.43 -28.05 -6.22
C PRO A 84 47.06 -26.58 -6.35
N ILE A 85 46.40 -26.01 -5.34
CA ILE A 85 46.28 -24.57 -5.28
C ILE A 85 47.61 -24.02 -4.79
N THR A 86 48.20 -23.11 -5.55
CA THR A 86 49.54 -22.65 -5.23
C THR A 86 49.60 -21.13 -5.14
N ALA A 87 50.73 -20.62 -4.69
CA ALA A 87 50.89 -19.17 -4.55
C ALA A 87 50.73 -18.47 -5.89
N ASP A 88 51.19 -19.13 -6.96
CA ASP A 88 51.02 -18.57 -8.31
C ASP A 88 49.55 -18.28 -8.63
N ASP A 89 48.63 -19.07 -8.06
CA ASP A 89 47.20 -18.85 -8.29
C ASP A 89 46.68 -17.58 -7.66
N PHE A 90 47.25 -17.24 -6.51
CA PHE A 90 46.93 -15.97 -5.84
C PHE A 90 47.48 -14.78 -6.61
N VAL A 91 48.75 -14.86 -6.98
CA VAL A 91 49.35 -13.80 -7.78
C VAL A 91 48.56 -13.61 -9.06
N TYR A 92 48.26 -14.70 -9.74
CA TYR A 92 47.56 -14.66 -11.02
C TYR A 92 46.21 -13.96 -10.93
N ALA A 93 45.42 -14.32 -9.92
CA ALA A 93 44.07 -13.78 -9.79
C ALA A 93 44.12 -12.26 -9.68
N LEU A 94 45.00 -11.74 -8.82
CA LEU A 94 45.09 -10.31 -8.61
C LEU A 94 45.70 -9.58 -9.80
N GLU A 95 46.75 -10.14 -10.40
CA GLU A 95 47.33 -9.50 -11.57
C GLU A 95 46.33 -9.46 -12.72
N LEU A 96 45.51 -10.49 -12.86
CA LEU A 96 44.52 -10.52 -13.93
C LEU A 96 43.46 -9.46 -13.70
N THR A 97 43.02 -9.30 -12.46
CA THR A 97 42.06 -8.26 -12.13
C THR A 97 42.63 -6.88 -12.48
N LYS A 98 43.89 -6.66 -12.13
CA LYS A 98 44.54 -5.40 -12.47
C LYS A 98 44.60 -5.18 -13.99
N GLU A 99 44.99 -6.21 -14.71
CA GLU A 99 45.10 -6.14 -16.17
C GLU A 99 43.77 -5.86 -16.85
N LEU A 100 42.73 -6.58 -16.43
CA LEU A 100 41.42 -6.51 -17.08
C LEU A 100 40.57 -5.33 -16.64
N GLY A 101 40.86 -4.78 -15.46
CA GLY A 101 40.09 -3.67 -14.92
C GLY A 101 38.77 -4.16 -14.35
N ILE A 102 38.70 -5.46 -14.11
CA ILE A 102 37.50 -6.10 -13.60
C ILE A 102 37.92 -7.45 -13.01
N GLY A 103 37.12 -7.98 -12.09
CA GLY A 103 37.43 -9.25 -11.48
C GLY A 103 37.57 -9.11 -9.98
N PRO A 104 37.78 -10.23 -9.29
CA PRO A 104 37.87 -10.25 -7.82
C PRO A 104 39.07 -9.48 -7.28
N GLY A 105 38.86 -8.79 -6.17
CA GLY A 105 39.95 -8.09 -5.51
C GLY A 105 40.24 -6.73 -6.13
N GLY A 106 39.24 -6.14 -6.80
CA GLY A 106 39.43 -4.85 -7.43
C GLY A 106 39.94 -3.79 -6.48
N GLY A 107 40.94 -3.04 -6.92
CA GLY A 107 41.52 -1.97 -6.12
C GLY A 107 42.71 -2.39 -5.29
N TRP A 108 43.04 -3.69 -5.32
CA TRP A 108 44.14 -4.19 -4.49
C TRP A 108 45.43 -3.40 -4.69
N ASP A 109 45.72 -3.04 -5.93
CA ASP A 109 47.01 -2.46 -6.29
C ASP A 109 47.16 -1.01 -5.81
N THR A 110 46.10 -0.48 -5.24
CA THR A 110 46.13 0.85 -4.64
C THR A 110 46.76 0.80 -3.26
N TYR A 111 46.53 -0.28 -2.51
CA TYR A 111 47.03 -0.36 -1.15
C TYR A 111 48.04 -1.48 -0.93
N ILE A 112 48.24 -2.30 -1.95
CA ILE A 112 49.21 -3.39 -1.92
CA ILE A 112 49.23 -3.36 -1.90
C ILE A 112 50.31 -3.12 -2.94
N GLU A 113 51.56 -3.07 -2.47
CA GLU A 113 52.70 -2.84 -3.35
C GLU A 113 52.93 -4.00 -4.30
N TYR A 114 52.90 -5.23 -3.76
CA TYR A 114 53.01 -6.42 -4.59
C TYR A 114 52.40 -7.61 -3.92
N VAL A 115 52.10 -8.62 -4.73
CA VAL A 115 51.77 -9.95 -4.23
C VAL A 115 52.73 -10.89 -4.96
N LYS A 116 53.39 -11.77 -4.20
CA LYS A 116 54.51 -12.54 -4.73
C LYS A 116 54.48 -13.97 -4.24
N ALA A 117 54.81 -14.90 -5.13
CA ALA A 117 54.93 -16.28 -4.73
C ALA A 117 56.34 -16.52 -4.18
N VAL A 118 56.48 -16.59 -2.87
CA VAL A 118 57.81 -16.77 -2.27
C VAL A 118 58.20 -18.23 -2.14
N ASP A 119 57.19 -19.11 -2.19
CA ASP A 119 57.41 -20.55 -2.31
C ASP A 119 56.14 -21.14 -2.89
N THR A 120 56.18 -22.42 -3.22
CA THR A 120 55.03 -23.05 -3.87
C THR A 120 53.73 -22.79 -3.14
N LYS A 121 53.77 -22.89 -1.82
CA LYS A 121 52.56 -22.75 -1.01
C LYS A 121 52.61 -21.52 -0.11
N VAL A 122 53.43 -20.53 -0.46
CA VAL A 122 53.55 -19.35 0.37
C VAL A 122 53.44 -18.09 -0.46
N VAL A 123 52.44 -17.27 -0.15
N VAL A 123 52.42 -17.29 -0.13
CA VAL A 123 52.28 -16.01 -0.86
CA VAL A 123 52.21 -16.00 -0.78
C VAL A 123 52.53 -14.83 0.06
C VAL A 123 52.71 -14.90 0.13
N GLU A 124 53.29 -13.86 -0.44
CA GLU A 124 53.68 -12.69 0.33
C GLU A 124 53.01 -11.44 -0.19
N PHE A 125 52.40 -10.70 0.72
CA PHE A 125 51.76 -9.43 0.40
C PHE A 125 52.51 -8.29 1.08
N LYS A 126 52.79 -7.24 0.33
CA LYS A 126 53.47 -6.07 0.88
C LYS A 126 52.57 -4.85 0.78
N ALA A 127 52.39 -4.15 1.89
CA ALA A 127 51.59 -2.93 1.91
C ALA A 127 52.31 -1.82 1.17
N LYS A 128 51.54 -0.99 0.47
CA LYS A 128 52.06 0.20 -0.19
C LYS A 128 52.31 1.24 0.89
N GLU A 129 53.54 1.76 0.94
CA GLU A 129 53.93 2.67 2.03
C GLU A 129 53.46 4.11 1.83
N GLU A 130 53.45 4.59 0.59
CA GLU A 130 53.07 5.97 0.28
C GLU A 130 51.71 6.34 0.85
N ASN A 131 50.74 5.44 0.70
CA ASN A 131 49.42 5.64 1.26
C ASN A 131 49.04 4.47 2.17
N LEU A 132 49.91 4.20 3.14
CA LEU A 132 49.75 3.06 4.03
C LEU A 132 48.33 2.99 4.59
N ASN A 133 47.71 1.82 4.43
CA ASN A 133 46.38 1.59 4.98
C ASN A 133 46.33 0.18 5.52
N TYR A 134 46.39 0.06 6.83
CA TYR A 134 46.45 -1.25 7.47
C TYR A 134 45.20 -2.08 7.25
N PHE A 135 44.03 -1.43 7.24
CA PHE A 135 42.78 -2.15 7.00
C PHE A 135 42.77 -2.80 5.62
N GLN A 136 43.10 -2.03 4.59
CA GLN A 136 43.06 -2.55 3.23
C GLN A 136 44.15 -3.60 3.00
N PHE A 137 45.31 -3.38 3.59
CA PHE A 137 46.39 -4.35 3.57
C PHE A 137 45.85 -5.71 4.03
N LEU A 138 45.18 -5.73 5.18
CA LEU A 138 44.65 -6.99 5.71
C LEU A 138 43.49 -7.54 4.88
N SER A 139 42.59 -6.67 4.43
CA SER A 139 41.43 -7.12 3.65
C SER A 139 41.83 -7.84 2.36
N TYR A 140 42.73 -7.24 1.61
CA TYR A 140 43.11 -7.76 0.31
C TYR A 140 43.97 -9.00 0.44
N SER A 141 44.71 -9.10 1.55
CA SER A 141 45.62 -10.24 1.74
CA SER A 141 45.62 -10.22 1.77
C SER A 141 44.89 -11.42 2.37
N LEU A 142 44.34 -11.22 3.56
CA LEU A 142 43.64 -12.31 4.24
C LEU A 142 42.47 -12.82 3.42
N GLY A 143 41.77 -11.92 2.76
CA GLY A 143 40.59 -12.28 1.99
C GLY A 143 40.89 -12.65 0.55
N ALA A 144 42.16 -12.75 0.19
CA ALA A 144 42.53 -13.05 -1.20
C ALA A 144 41.92 -14.36 -1.69
N GLN A 145 41.36 -14.31 -2.89
N GLN A 145 41.48 -14.35 -2.94
CA GLN A 145 40.83 -15.50 -3.54
CA GLN A 145 40.80 -15.48 -3.55
C GLN A 145 41.75 -15.88 -4.70
C GLN A 145 41.57 -15.96 -4.78
N PRO A 146 42.24 -17.13 -4.68
CA PRO A 146 43.01 -17.59 -5.83
C PRO A 146 42.08 -17.98 -6.97
N MET A 147 42.61 -17.90 -8.18
N MET A 147 42.60 -17.93 -8.19
CA MET A 147 41.94 -18.34 -9.39
CA MET A 147 41.85 -18.41 -9.34
C MET A 147 42.84 -19.39 -10.03
C MET A 147 42.80 -19.29 -10.15
N PRO A 148 42.27 -20.34 -10.77
CA PRO A 148 43.14 -21.39 -11.35
C PRO A 148 43.92 -20.90 -12.56
N LYS A 149 45.18 -20.56 -12.35
CA LYS A 149 46.03 -20.05 -13.41
C LYS A 149 46.07 -20.98 -14.62
N HIS A 150 46.18 -22.28 -14.37
CA HIS A 150 46.35 -23.24 -15.46
C HIS A 150 45.09 -23.32 -16.32
N VAL A 151 43.95 -23.00 -15.72
CA VAL A 151 42.68 -22.95 -16.46
C VAL A 151 42.57 -21.66 -17.27
N TYR A 152 42.80 -20.52 -16.62
CA TYR A 152 42.61 -19.22 -17.27
C TYR A 152 43.59 -18.93 -18.40
N GLU A 153 44.83 -19.41 -18.28
CA GLU A 153 45.80 -19.21 -19.34
C GLU A 153 45.39 -20.02 -20.57
N ARG A 154 44.73 -21.13 -20.31
CA ARG A 154 44.17 -21.94 -21.37
C ARG A 154 43.05 -21.22 -22.12
N ILE A 155 42.10 -20.68 -21.37
CA ILE A 155 40.99 -19.96 -21.97
C ILE A 155 41.47 -18.78 -22.80
N ARG A 156 42.44 -18.06 -22.26
CA ARG A 156 42.97 -16.86 -22.86
C ARG A 156 43.61 -17.11 -24.22
N ALA A 157 44.12 -18.32 -24.42
CA ALA A 157 44.70 -18.70 -25.71
C ALA A 157 43.60 -19.03 -26.71
N GLN A 158 42.40 -19.26 -26.20
CA GLN A 158 41.26 -19.68 -27.01
C GLN A 158 40.30 -18.52 -27.32
N MET A 159 40.22 -17.56 -26.42
CA MET A 159 39.25 -16.48 -26.53
C MET A 159 39.59 -15.33 -25.58
N ASN A 160 38.82 -14.25 -25.67
CA ASN A 160 38.89 -13.19 -24.68
C ASN A 160 38.29 -13.68 -23.37
N ILE A 161 39.06 -13.59 -22.29
CA ILE A 161 38.62 -14.11 -20.99
C ILE A 161 37.27 -13.52 -20.57
N LYS A 162 37.05 -12.25 -20.89
CA LYS A 162 35.79 -11.61 -20.52
C LYS A 162 34.57 -12.24 -21.18
N ASP A 163 34.78 -12.92 -22.30
CA ASP A 163 33.70 -13.57 -23.04
C ASP A 163 33.45 -15.02 -22.63
N TRP A 164 34.34 -15.57 -21.81
CA TRP A 164 34.24 -16.97 -21.39
C TRP A 164 33.08 -17.19 -20.42
N ILE A 165 32.27 -18.20 -20.69
CA ILE A 165 31.08 -18.48 -19.89
C ILE A 165 31.35 -19.44 -18.74
N ASN A 166 32.29 -20.37 -18.94
CA ASN A 166 32.60 -21.39 -17.93
C ASN A 166 31.36 -22.17 -17.49
N ASP A 167 30.55 -22.63 -18.44
CA ASP A 167 29.29 -23.28 -18.11
C ASP A 167 29.27 -24.79 -18.41
N LYS A 168 30.44 -25.38 -18.58
CA LYS A 168 30.53 -26.82 -18.79
C LYS A 168 30.89 -27.51 -17.49
N PRO A 169 29.92 -28.21 -16.89
CA PRO A 169 30.09 -28.82 -15.56
C PRO A 169 31.32 -29.70 -15.45
N GLU A 170 31.56 -30.56 -16.43
CA GLU A 170 32.73 -31.43 -16.41
C GLU A 170 34.03 -30.63 -16.42
N GLU A 171 34.05 -29.53 -17.17
CA GLU A 171 35.26 -28.75 -17.35
C GLU A 171 35.51 -27.75 -16.22
N GLN A 172 34.49 -27.49 -15.40
CA GLN A 172 34.62 -26.49 -14.34
C GLN A 172 35.66 -26.87 -13.29
N VAL A 173 36.58 -25.95 -13.02
CA VAL A 173 37.62 -26.15 -12.02
C VAL A 173 37.42 -25.20 -10.85
N VAL A 174 37.12 -25.74 -9.67
CA VAL A 174 36.71 -24.93 -8.53
C VAL A 174 37.52 -25.23 -7.26
N SER A 175 37.54 -24.29 -6.33
CA SER A 175 38.20 -24.49 -5.04
C SER A 175 37.18 -24.71 -3.92
N GLY A 176 35.91 -24.45 -4.20
CA GLY A 176 34.85 -24.70 -3.23
C GLY A 176 34.23 -26.08 -3.30
N PRO A 177 33.24 -26.35 -2.41
CA PRO A 177 32.66 -27.70 -2.33
C PRO A 177 31.49 -27.95 -3.30
N TYR A 178 31.18 -26.99 -4.16
CA TYR A 178 30.15 -27.15 -5.19
C TYR A 178 30.64 -26.69 -6.55
N LYS A 179 30.08 -27.27 -7.60
CA LYS A 179 30.26 -26.75 -8.95
C LYS A 179 28.92 -26.87 -9.69
N LEU A 180 28.84 -26.22 -10.85
CA LEU A 180 27.62 -26.25 -11.66
C LEU A 180 27.26 -27.69 -12.05
N TYR A 181 25.97 -28.01 -11.98
CA TYR A 181 25.47 -29.33 -12.35
C TYR A 181 24.61 -29.23 -13.61
N TYR A 182 23.71 -28.25 -13.61
CA TYR A 182 22.75 -28.09 -14.70
C TYR A 182 22.13 -26.70 -14.65
N TYR A 183 21.84 -26.13 -15.81
CA TYR A 183 21.02 -24.92 -15.85
C TYR A 183 20.20 -24.80 -17.13
N ASP A 184 19.07 -24.10 -17.01
CA ASP A 184 18.28 -23.69 -18.18
C ASP A 184 17.62 -22.36 -17.84
N PRO A 185 16.79 -21.83 -18.76
CA PRO A 185 16.19 -20.51 -18.49
C PRO A 185 15.35 -20.48 -17.20
N ASN A 186 15.09 -21.62 -16.58
CA ASN A 186 14.23 -21.64 -15.41
C ASN A 186 14.87 -22.16 -14.12
N ILE A 187 16.14 -22.56 -14.18
CA ILE A 187 16.77 -23.11 -12.98
C ILE A 187 18.29 -23.13 -13.10
N VAL A 188 18.96 -22.97 -11.97
CA VAL A 188 20.39 -23.21 -11.84
C VAL A 188 20.61 -24.22 -10.73
N VAL A 189 21.38 -25.26 -11.00
CA VAL A 189 21.62 -26.30 -10.01
C VAL A 189 23.12 -26.54 -9.83
N TYR A 190 23.54 -26.59 -8.58
CA TYR A 190 24.91 -26.96 -8.23
C TYR A 190 24.95 -28.33 -7.57
N GLN A 191 26.03 -29.06 -7.80
CA GLN A 191 26.21 -30.37 -7.18
C GLN A 191 27.47 -30.39 -6.33
N ARG A 192 27.37 -31.01 -5.16
CA ARG A 192 28.50 -31.17 -4.25
C ARG A 192 29.67 -31.90 -4.92
N VAL A 193 30.87 -31.42 -4.62
CA VAL A 193 32.11 -32.08 -5.04
C VAL A 193 32.52 -33.04 -3.93
N ASP A 194 32.27 -34.33 -4.12
CA ASP A 194 32.39 -35.28 -3.03
C ASP A 194 33.84 -35.49 -2.60
N ASP A 195 34.77 -35.32 -3.51
CA ASP A 195 36.19 -35.43 -3.16
C ASP A 195 36.84 -34.06 -2.99
N TRP A 196 36.03 -33.06 -2.62
CA TRP A 196 36.52 -31.74 -2.28
C TRP A 196 37.76 -31.78 -1.38
N TRP A 197 38.75 -30.97 -1.71
CA TRP A 197 40.01 -30.98 -0.95
C TRP A 197 39.81 -30.76 0.56
N GLY A 198 38.78 -30.01 0.92
CA GLY A 198 38.56 -29.66 2.32
C GLY A 198 37.76 -30.65 3.15
N LYS A 199 37.46 -31.81 2.57
CA LYS A 199 36.53 -32.76 3.18
C LYS A 199 36.95 -33.30 4.54
N ASP A 200 38.26 -33.43 4.77
CA ASP A 200 38.73 -33.95 6.05
C ASP A 200 38.84 -32.86 7.12
N ILE A 201 39.25 -31.66 6.70
N ILE A 201 39.25 -31.67 6.69
CA ILE A 201 39.38 -30.56 7.63
CA ILE A 201 39.38 -30.53 7.60
C ILE A 201 38.03 -29.91 7.99
C ILE A 201 38.01 -29.96 7.99
N PHE A 202 37.16 -29.77 6.99
CA PHE A 202 35.89 -29.07 7.18
C PHE A 202 34.67 -29.97 7.17
N GLY A 203 34.85 -31.20 6.71
CA GLY A 203 33.72 -32.07 6.47
C GLY A 203 33.14 -31.73 5.10
N LEU A 204 32.05 -32.39 4.74
CA LEU A 204 31.35 -32.06 3.51
C LEU A 204 30.10 -31.26 3.85
N PRO A 205 29.71 -30.33 2.97
CA PRO A 205 28.41 -29.70 3.19
C PRO A 205 27.33 -30.77 3.07
N ARG A 206 26.25 -30.60 3.82
CA ARG A 206 25.24 -31.65 3.92
C ARG A 206 24.38 -31.86 2.65
N PRO A 207 24.03 -30.76 1.96
CA PRO A 207 23.24 -30.94 0.73
C PRO A 207 24.06 -31.40 -0.49
N LYS A 208 23.57 -32.42 -1.17
CA LYS A 208 24.19 -32.87 -2.41
CA LYS A 208 24.19 -32.86 -2.40
C LYS A 208 23.92 -31.91 -3.56
N TYR A 209 22.73 -31.29 -3.55
CA TYR A 209 22.38 -30.33 -4.60
C TYR A 209 21.88 -29.03 -4.00
N LEU A 210 22.24 -27.93 -4.66
CA LEU A 210 21.66 -26.62 -4.42
C LEU A 210 20.92 -26.24 -5.68
N ALA A 211 19.62 -25.97 -5.56
CA ALA A 211 18.81 -25.69 -6.73
C ALA A 211 18.08 -24.37 -6.54
N HIS A 212 18.12 -23.52 -7.56
CA HIS A 212 17.45 -22.23 -7.51
C HIS A 212 16.57 -22.09 -8.74
N VAL A 213 15.27 -22.29 -8.56
CA VAL A 213 14.32 -22.02 -9.62
C VAL A 213 14.32 -20.52 -9.83
N ILE A 214 14.31 -20.10 -11.08
CA ILE A 214 14.32 -18.67 -11.39
C ILE A 214 12.89 -18.13 -11.39
N TYR A 215 12.50 -17.52 -10.28
CA TYR A 215 11.21 -16.86 -10.14
C TYR A 215 11.20 -15.46 -10.74
N LYS A 216 10.08 -15.08 -11.33
CA LYS A 216 9.93 -13.78 -11.97
C LYS A 216 9.77 -12.63 -10.98
N ASP A 217 9.12 -12.88 -9.86
CA ASP A 217 8.84 -11.83 -8.89
C ASP A 217 8.68 -12.36 -7.48
N ASN A 218 8.58 -11.47 -6.51
CA ASN A 218 8.40 -11.86 -5.11
C ASN A 218 7.16 -12.72 -4.84
N PRO A 219 6.00 -12.32 -5.39
CA PRO A 219 4.81 -13.14 -5.13
C PRO A 219 4.98 -14.60 -5.56
N SER A 220 5.55 -14.85 -6.73
CA SER A 220 5.70 -16.23 -7.20
C SER A 220 6.66 -17.02 -6.34
N ALA A 221 7.79 -16.40 -5.96
CA ALA A 221 8.72 -17.05 -5.05
C ALA A 221 8.07 -17.30 -3.69
N SER A 222 7.25 -16.37 -3.23
CA SER A 222 6.58 -16.52 -1.95
C SER A 222 5.60 -17.70 -1.98
N LEU A 223 4.93 -17.89 -3.12
N LEU A 223 4.89 -17.86 -3.09
CA LEU A 223 3.97 -18.98 -3.28
CA LEU A 223 3.98 -19.00 -3.27
C LEU A 223 4.67 -20.34 -3.23
C LEU A 223 4.72 -20.31 -3.12
N ALA A 224 5.89 -20.39 -3.74
CA ALA A 224 6.69 -21.61 -3.73
C ALA A 224 7.15 -21.90 -2.31
N PHE A 225 7.54 -20.85 -1.60
CA PHE A 225 7.99 -20.95 -0.22
C PHE A 225 6.86 -21.47 0.68
N GLU A 226 5.66 -20.95 0.47
CA GLU A 226 4.54 -21.40 1.28
C GLU A 226 4.20 -22.87 1.08
N ARG A 227 4.38 -23.37 -0.14
CA ARG A 227 4.07 -24.76 -0.49
CA ARG A 227 4.02 -24.76 -0.37
C ARG A 227 5.14 -25.74 -0.03
N GLY A 228 6.29 -25.23 0.41
CA GLY A 228 7.37 -26.09 0.84
C GLY A 228 8.46 -26.34 -0.18
N ASP A 229 8.42 -25.60 -1.29
CA ASP A 229 9.34 -25.82 -2.39
C ASP A 229 10.63 -24.99 -2.33
N ILE A 230 10.79 -24.21 -1.26
CA ILE A 230 12.03 -23.46 -1.02
C ILE A 230 12.48 -23.69 0.42
N ASP A 231 13.71 -24.17 0.59
CA ASP A 231 14.24 -24.46 1.91
C ASP A 231 14.97 -23.26 2.49
N TRP A 232 15.68 -22.56 1.61
CA TRP A 232 16.61 -21.51 2.00
C TRP A 232 16.30 -20.26 1.19
N ASN A 233 15.74 -19.25 1.87
CA ASN A 233 15.15 -18.10 1.17
C ASN A 233 15.83 -16.80 1.56
N GLY A 234 15.99 -15.90 0.60
CA GLY A 234 16.57 -14.59 0.85
C GLY A 234 15.68 -13.52 0.26
N LEU A 235 14.39 -13.65 0.56
CA LEU A 235 13.34 -12.86 -0.08
C LEU A 235 12.76 -11.80 0.83
N PHE A 236 12.31 -10.70 0.24
CA PHE A 236 11.36 -9.84 0.92
C PHE A 236 10.01 -10.55 0.95
N ILE A 237 9.45 -10.64 2.14
CA ILE A 237 8.13 -11.24 2.33
C ILE A 237 7.26 -10.33 3.19
N PRO A 238 6.10 -9.90 2.66
CA PRO A 238 5.19 -9.07 3.45
C PRO A 238 4.62 -9.86 4.64
N SER A 239 4.52 -9.20 5.79
CA SER A 239 3.92 -9.81 6.98
C SER A 239 4.47 -11.23 7.21
N VAL A 240 5.79 -11.36 7.19
CA VAL A 240 6.44 -12.68 7.23
C VAL A 240 6.03 -13.54 8.43
N TRP A 241 5.77 -12.91 9.57
CA TRP A 241 5.37 -13.61 10.78
C TRP A 241 4.09 -14.44 10.60
N GLU A 242 3.24 -14.05 9.66
CA GLU A 242 1.99 -14.78 9.44
C GLU A 242 2.25 -16.20 8.94
N LEU A 243 3.39 -16.41 8.28
CA LEU A 243 3.72 -17.71 7.75
C LEU A 243 3.71 -18.78 8.83
N TRP A 244 4.25 -18.45 10.00
CA TRP A 244 4.27 -19.44 11.10
C TRP A 244 3.20 -19.21 12.16
N GLU A 245 2.74 -17.98 12.29
CA GLU A 245 1.73 -17.63 13.29
C GLU A 245 0.32 -17.99 12.85
N LYS A 246 0.01 -17.65 11.61
CA LYS A 246 -1.34 -17.76 11.09
C LYS A 246 -1.49 -19.00 10.23
N LYS A 247 -0.54 -19.21 9.33
CA LYS A 247 -0.63 -20.29 8.36
C LYS A 247 -0.03 -21.59 8.89
N GLY A 248 0.56 -21.53 10.08
CA GLY A 248 1.14 -22.70 10.73
C GLY A 248 2.15 -23.45 9.89
N LEU A 249 2.95 -22.72 9.12
CA LEU A 249 3.98 -23.33 8.29
C LEU A 249 5.29 -23.58 9.07
N PRO A 250 6.04 -24.62 8.69
CA PRO A 250 7.32 -24.92 9.34
C PRO A 250 8.41 -24.01 8.82
N VAL A 251 8.23 -22.71 9.02
CA VAL A 251 9.19 -21.74 8.51
C VAL A 251 9.61 -20.77 9.61
N GLY A 252 10.79 -20.18 9.44
CA GLY A 252 11.34 -19.33 10.48
C GLY A 252 12.29 -18.29 9.93
N THR A 253 12.72 -17.39 10.81
CA THR A 253 13.62 -16.30 10.47
C THR A 253 14.67 -16.19 11.56
N TRP A 254 15.61 -15.26 11.44
CA TRP A 254 16.63 -15.12 12.48
C TRP A 254 16.00 -14.72 13.81
N TYR A 255 15.19 -13.67 13.78
CA TYR A 255 14.45 -13.22 14.95
C TYR A 255 13.00 -13.67 14.85
N LYS A 256 12.46 -14.24 15.94
CA LYS A 256 11.06 -14.64 15.99
C LYS A 256 10.14 -13.43 16.12
N LYS A 257 10.65 -12.36 16.71
CA LYS A 257 9.91 -11.12 16.84
C LYS A 257 10.51 -10.01 15.97
N GLU A 258 9.81 -8.89 15.88
CA GLU A 258 10.30 -7.70 15.21
C GLU A 258 11.74 -7.42 15.62
N PRO A 259 12.61 -7.06 14.65
CA PRO A 259 12.36 -6.81 13.22
C PRO A 259 12.52 -8.02 12.29
N TYR A 260 12.63 -9.23 12.85
CA TYR A 260 12.69 -10.49 12.08
C TYR A 260 14.00 -10.74 11.35
N PHE A 261 14.67 -9.66 10.96
CA PHE A 261 15.90 -9.78 10.17
C PHE A 261 17.05 -9.03 10.82
N ILE A 262 18.25 -9.61 10.74
CA ILE A 262 19.45 -8.88 11.11
C ILE A 262 19.81 -7.94 9.93
N PRO A 263 20.61 -6.91 10.20
CA PRO A 263 20.92 -5.97 9.11
C PRO A 263 21.99 -6.49 8.15
N ASP A 264 21.86 -6.17 6.86
CA ASP A 264 22.88 -6.54 5.88
C ASP A 264 23.87 -5.42 5.62
N GLY A 265 23.36 -4.21 5.44
CA GLY A 265 24.22 -3.08 5.11
C GLY A 265 23.40 -1.83 4.93
N VAL A 266 23.83 -0.98 3.99
CA VAL A 266 23.13 0.29 3.77
C VAL A 266 22.54 0.35 2.36
N GLY A 267 21.24 0.60 2.30
CA GLY A 267 20.58 0.82 1.03
C GLY A 267 20.61 2.30 0.70
N PHE A 268 21.03 2.61 -0.52
CA PHE A 268 21.17 3.99 -0.95
C PHE A 268 20.17 4.30 -2.04
N VAL A 269 19.75 5.56 -2.09
CA VAL A 269 19.27 6.10 -3.35
C VAL A 269 20.51 6.66 -4.05
N TYR A 270 20.99 5.93 -5.05
CA TYR A 270 22.16 6.38 -5.81
C TYR A 270 21.69 7.35 -6.88
N VAL A 271 22.42 8.46 -7.01
CA VAL A 271 22.10 9.51 -7.96
C VAL A 271 23.32 9.71 -8.84
N ASN A 272 23.16 9.45 -10.13
CA ASN A 272 24.27 9.49 -11.07
C ASN A 272 24.84 10.91 -11.20
N ASN A 273 26.06 11.10 -10.74
CA ASN A 273 26.68 12.42 -10.70
C ASN A 273 27.04 12.94 -12.09
N THR A 274 27.00 12.08 -13.10
CA THR A 274 27.38 12.49 -14.46
C THR A 274 26.21 13.04 -15.29
N LYS A 275 24.99 12.86 -14.78
CA LYS A 275 23.80 13.31 -15.49
C LYS A 275 23.56 14.81 -15.28
N PRO A 276 23.09 15.50 -16.32
CA PRO A 276 22.80 16.92 -16.17
C PRO A 276 21.72 17.10 -15.10
N GLY A 277 21.87 18.10 -14.24
CA GLY A 277 20.93 18.35 -13.16
C GLY A 277 21.34 17.57 -11.92
N LEU A 278 21.42 16.25 -12.09
CA LEU A 278 21.80 15.36 -11.01
C LEU A 278 23.25 15.58 -10.59
N SER A 279 24.01 16.27 -11.44
CA SER A 279 25.41 16.58 -11.17
C SER A 279 25.57 17.71 -10.14
N ASP A 280 24.48 18.42 -9.89
CA ASP A 280 24.47 19.52 -8.93
C ASP A 280 24.22 19.03 -7.49
N PRO A 281 25.17 19.28 -6.58
CA PRO A 281 25.00 18.90 -5.17
C PRO A 281 23.69 19.40 -4.56
N ALA A 282 23.24 20.58 -4.99
CA ALA A 282 22.02 21.14 -4.45
C ALA A 282 20.83 20.26 -4.79
N VAL A 283 20.82 19.73 -6.01
CA VAL A 283 19.73 18.88 -6.47
C VAL A 283 19.73 17.56 -5.70
N ARG A 284 20.93 17.04 -5.43
CA ARG A 284 21.05 15.78 -4.69
C ARG A 284 20.61 15.98 -3.24
N LYS A 285 20.96 17.13 -2.66
CA LYS A 285 20.49 17.44 -1.31
C LYS A 285 18.97 17.56 -1.25
N ALA A 286 18.38 18.23 -2.24
CA ALA A 286 16.92 18.35 -2.28
C ALA A 286 16.28 16.97 -2.32
N ILE A 287 16.86 16.05 -3.10
CA ILE A 287 16.32 14.69 -3.19
C ILE A 287 16.32 14.01 -1.83
N ALA A 288 17.37 14.21 -1.06
CA ALA A 288 17.52 13.60 0.26
C ALA A 288 16.40 14.03 1.21
N TYR A 289 15.98 15.28 1.11
CA TYR A 289 14.91 15.80 1.95
C TYR A 289 13.52 15.38 1.46
N ALA A 290 13.44 14.89 0.23
CA ALA A 290 12.15 14.52 -0.35
C ALA A 290 11.79 13.03 -0.25
N ILE A 291 12.71 12.22 0.29
CA ILE A 291 12.44 10.80 0.50
C ILE A 291 11.58 10.63 1.76
N PRO A 292 10.42 9.96 1.61
CA PRO A 292 9.52 9.79 2.76
C PRO A 292 9.98 8.61 3.62
N TYR A 293 11.07 8.80 4.36
CA TYR A 293 11.76 7.71 5.03
C TYR A 293 10.83 6.86 5.89
N ASN A 294 10.21 7.49 6.88
CA ASN A 294 9.39 6.75 7.84
C ASN A 294 8.20 6.05 7.21
N GLU A 295 7.46 6.77 6.37
CA GLU A 295 6.28 6.20 5.76
C GLU A 295 6.62 5.04 4.82
N MET A 296 7.67 5.18 4.03
CA MET A 296 8.00 4.10 3.10
CA MET A 296 8.04 4.12 3.10
C MET A 296 8.57 2.89 3.83
N LEU A 297 9.28 3.12 4.93
CA LEU A 297 9.87 1.99 5.63
C LEU A 297 8.79 1.25 6.41
N LYS A 298 7.77 1.96 6.85
CA LYS A 298 6.63 1.32 7.51
C LYS A 298 5.76 0.56 6.52
N LYS A 299 5.34 1.22 5.45
CA LYS A 299 4.39 0.65 4.50
C LYS A 299 5.03 -0.30 3.49
N ALA A 300 6.10 0.16 2.85
CA ALA A 300 6.74 -0.64 1.82
C ALA A 300 7.69 -1.70 2.40
N TYR A 301 8.33 -1.38 3.51
CA TYR A 301 9.40 -2.23 4.04
C TYR A 301 8.97 -2.97 5.32
N PHE A 302 7.72 -2.79 5.70
CA PHE A 302 7.14 -3.52 6.84
C PHE A 302 7.95 -3.43 8.13
N GLY A 303 8.69 -2.34 8.30
CA GLY A 303 9.53 -2.15 9.47
C GLY A 303 10.71 -3.12 9.57
N TYR A 304 11.08 -3.74 8.45
CA TYR A 304 12.16 -4.72 8.45
C TYR A 304 13.55 -4.06 8.55
N GLY A 305 13.56 -2.73 8.43
CA GLY A 305 14.80 -1.97 8.57
C GLY A 305 14.44 -0.53 8.85
N SER A 306 15.39 0.21 9.42
CA SER A 306 15.14 1.60 9.78
C SER A 306 15.97 2.58 8.92
N GLN A 307 15.75 3.87 9.12
CA GLN A 307 16.42 4.88 8.31
C GLN A 307 17.91 4.91 8.61
N ALA A 308 18.72 5.00 7.56
CA ALA A 308 20.16 5.09 7.71
C ALA A 308 20.58 6.47 8.19
N HIS A 309 21.66 6.51 8.96
CA HIS A 309 22.27 7.78 9.32
C HIS A 309 23.01 8.33 8.11
N PRO A 310 22.95 9.65 7.90
CA PRO A 310 23.54 10.21 6.68
C PRO A 310 25.07 10.09 6.65
N SER A 311 25.69 9.83 7.80
CA SER A 311 27.14 9.61 7.88
C SER A 311 27.58 8.34 7.15
N MET A 312 26.61 7.48 6.80
CA MET A 312 26.87 6.16 6.24
C MET A 312 27.35 5.14 7.27
N VAL A 313 27.51 5.56 8.51
CA VAL A 313 27.92 4.65 9.57
C VAL A 313 26.69 3.90 10.08
N ILE A 314 26.80 2.59 10.27
CA ILE A 314 25.67 1.78 10.74
C ILE A 314 25.55 1.90 12.26
N ASP A 315 24.71 2.83 12.72
CA ASP A 315 24.60 3.10 14.15
C ASP A 315 23.70 2.11 14.90
N LEU A 316 23.36 1.01 14.23
CA LEU A 316 22.66 -0.10 14.88
C LEU A 316 23.58 -0.82 15.85
N PHE A 317 24.89 -0.60 15.70
CA PHE A 317 25.88 -1.23 16.57
C PHE A 317 26.63 -0.17 17.37
N GLU A 318 26.57 -0.31 18.69
CA GLU A 318 27.12 0.69 19.60
C GLU A 318 28.58 1.06 19.33
N PRO A 319 29.45 0.06 19.08
CA PRO A 319 30.87 0.36 18.85
C PRO A 319 31.15 1.24 17.64
N TYR A 320 30.18 1.40 16.74
CA TYR A 320 30.40 2.21 15.55
C TYR A 320 30.06 3.69 15.79
N LYS A 321 29.28 3.98 16.82
CA LYS A 321 28.81 5.33 17.06
C LYS A 321 29.94 6.34 17.28
N GLN A 322 31.06 5.86 17.83
CA GLN A 322 32.22 6.69 18.07
C GLN A 322 32.77 7.30 16.79
N TYR A 323 32.36 6.74 15.65
CA TYR A 323 32.86 7.18 14.36
C TYR A 323 31.92 8.17 13.68
N ILE A 324 30.83 8.53 14.37
CA ILE A 324 29.87 9.49 13.83
C ILE A 324 30.03 10.84 14.54
N ASP A 325 30.18 11.90 13.75
CA ASP A 325 30.17 13.25 14.31
C ASP A 325 28.72 13.70 14.49
N TYR A 326 28.14 13.35 15.62
CA TYR A 326 26.72 13.59 15.87
C TYR A 326 26.38 15.08 15.93
N GLU A 327 27.30 15.88 16.47
CA GLU A 327 27.07 17.33 16.55
C GLU A 327 26.97 17.95 15.16
N LEU A 328 27.83 17.51 14.25
CA LEU A 328 27.79 17.95 12.88
C LEU A 328 26.48 17.59 12.20
N ALA A 329 26.06 16.33 12.37
CA ALA A 329 24.83 15.86 11.74
C ALA A 329 23.59 16.57 12.32
N LYS A 330 23.57 16.74 13.63
CA LYS A 330 22.47 17.43 14.30
C LYS A 330 22.38 18.89 13.84
N LYS A 331 23.53 19.55 13.78
CA LYS A 331 23.57 20.94 13.34
C LYS A 331 23.10 21.07 11.89
N THR A 332 23.55 20.14 11.05
CA THR A 332 23.26 20.19 9.62
C THR A 332 21.80 19.90 9.30
N PHE A 333 21.24 18.88 9.94
CA PHE A 333 19.91 18.40 9.56
C PHE A 333 18.79 18.74 10.54
N GLY A 334 19.17 19.24 11.72
CA GLY A 334 18.21 19.78 12.67
C GLY A 334 17.36 18.75 13.38
N THR A 335 17.82 17.50 13.39
CA THR A 335 17.09 16.42 14.03
C THR A 335 17.84 15.96 15.29
N GLU A 336 17.17 15.14 16.09
CA GLU A 336 17.73 14.71 17.37
C GLU A 336 19.02 13.92 17.22
N ASP A 337 19.10 13.07 16.19
CA ASP A 337 20.28 12.24 15.99
C ASP A 337 21.04 12.59 14.71
N GLY A 338 20.53 13.55 13.96
CA GLY A 338 21.20 13.98 12.75
C GLY A 338 20.76 13.24 11.50
N ARG A 339 19.69 12.45 11.60
CA ARG A 339 19.09 11.86 10.42
C ARG A 339 18.38 12.91 9.57
N ILE A 340 18.40 12.72 8.25
CA ILE A 340 17.74 13.67 7.36
C ILE A 340 16.23 13.56 7.46
N PRO A 341 15.56 14.67 7.77
CA PRO A 341 14.11 14.65 7.88
C PRO A 341 13.44 14.63 6.50
N PHE A 342 12.28 13.99 6.42
CA PHE A 342 11.41 14.17 5.26
C PHE A 342 10.79 15.56 5.39
N ASP A 343 11.15 16.46 4.48
CA ASP A 343 10.75 17.86 4.59
C ASP A 343 10.71 18.47 3.20
N LEU A 344 9.53 18.45 2.59
CA LEU A 344 9.36 19.00 1.25
C LEU A 344 9.57 20.51 1.21
N ASP A 345 9.18 21.21 2.27
CA ASP A 345 9.44 22.65 2.36
C ASP A 345 10.94 22.90 2.17
N MET A 346 11.76 22.12 2.86
CA MET A 346 13.21 22.27 2.75
C MET A 346 13.73 21.89 1.37
N ALA A 347 13.21 20.79 0.81
CA ALA A 347 13.64 20.38 -0.52
C ALA A 347 13.35 21.47 -1.55
N ASN A 348 12.17 22.07 -1.45
CA ASN A 348 11.80 23.16 -2.34
C ASN A 348 12.68 24.39 -2.13
N LYS A 349 12.98 24.71 -0.88
CA LYS A 349 13.84 25.85 -0.57
C LYS A 349 15.24 25.68 -1.15
N ILE A 350 15.81 24.49 -0.99
CA ILE A 350 17.12 24.21 -1.53
C ILE A 350 17.16 24.43 -3.03
N LEU A 351 16.12 23.99 -3.72
CA LEU A 351 16.07 24.12 -5.17
C LEU A 351 15.89 25.60 -5.57
N ASP A 352 15.05 26.30 -4.84
CA ASP A 352 14.82 27.73 -5.06
C ASP A 352 16.12 28.51 -4.93
N GLU A 353 16.86 28.25 -3.85
CA GLU A 353 18.09 28.99 -3.58
C GLU A 353 19.23 28.65 -4.54
N ALA A 354 19.14 27.49 -5.17
CA ALA A 354 20.13 27.09 -6.17
C ALA A 354 19.71 27.57 -7.56
N GLY A 355 18.63 28.37 -7.60
CA GLY A 355 18.18 28.98 -8.83
C GLY A 355 17.42 28.09 -9.80
N TYR A 356 16.77 27.05 -9.28
CA TYR A 356 15.89 26.23 -10.11
C TYR A 356 14.46 26.73 -10.03
N LYS A 357 13.90 27.08 -11.18
CA LYS A 357 12.57 27.65 -11.23
C LYS A 357 11.62 26.77 -12.04
N LYS A 358 10.45 26.50 -11.49
CA LYS A 358 9.47 25.67 -12.17
C LYS A 358 9.00 26.30 -13.47
N GLY A 359 9.01 25.51 -14.54
CA GLY A 359 8.47 25.93 -15.81
C GLY A 359 6.96 25.73 -15.86
N PRO A 360 6.37 25.95 -17.04
CA PRO A 360 4.91 25.82 -17.24
C PRO A 360 4.42 24.42 -16.89
N ASP A 361 5.24 23.41 -17.14
CA ASP A 361 4.85 22.03 -16.86
C ASP A 361 5.17 21.61 -15.43
N GLY A 362 5.61 22.57 -14.63
CA GLY A 362 5.88 22.32 -13.22
C GLY A 362 7.24 21.68 -12.96
N VAL A 363 8.01 21.46 -14.03
CA VAL A 363 9.34 20.86 -13.89
C VAL A 363 10.38 21.97 -13.80
N ARG A 364 11.30 21.84 -12.85
CA ARG A 364 12.28 22.90 -12.61
C ARG A 364 13.34 23.02 -13.70
N VAL A 365 13.75 24.26 -13.95
CA VAL A 365 14.82 24.55 -14.90
C VAL A 365 15.86 25.41 -14.21
N GLY A 366 17.14 25.04 -14.37
CA GLY A 366 18.23 25.74 -13.73
C GLY A 366 18.63 26.98 -14.49
N PRO A 367 19.61 27.72 -13.96
CA PRO A 367 20.11 28.96 -14.56
C PRO A 367 20.77 28.76 -15.92
N ASP A 368 21.43 27.62 -16.13
CA ASP A 368 22.06 27.35 -17.41
C ASP A 368 21.08 26.70 -18.39
N GLY A 369 19.82 26.59 -17.97
CA GLY A 369 18.76 26.06 -18.82
C GLY A 369 18.54 24.57 -18.69
N THR A 370 19.26 23.94 -17.77
CA THR A 370 19.12 22.49 -17.55
C THR A 370 17.79 22.19 -16.87
N LYS A 371 16.98 21.35 -17.51
CA LYS A 371 15.71 20.92 -16.95
C LYS A 371 15.97 19.73 -16.03
N LEU A 372 15.30 19.68 -14.88
CA LEU A 372 15.43 18.54 -13.98
C LEU A 372 14.51 17.40 -14.37
N GLY A 373 14.81 16.79 -15.51
CA GLY A 373 14.06 15.67 -16.00
C GLY A 373 14.01 15.69 -17.52
N PRO A 374 13.49 14.62 -18.13
CA PRO A 374 12.97 13.47 -17.39
C PRO A 374 14.05 12.52 -16.90
N TYR A 375 13.79 11.89 -15.75
CA TYR A 375 14.69 10.92 -15.17
C TYR A 375 13.89 9.67 -14.82
N THR A 376 14.59 8.55 -14.67
CA THR A 376 13.98 7.35 -14.11
C THR A 376 14.56 7.04 -12.75
N ILE A 377 13.75 6.40 -11.89
CA ILE A 377 14.28 5.71 -10.73
C ILE A 377 14.00 4.23 -10.94
N SER A 378 15.03 3.41 -10.78
CA SER A 378 14.94 2.04 -11.24
C SER A 378 15.48 1.01 -10.25
N VAL A 379 14.73 -0.09 -10.12
CA VAL A 379 15.15 -1.28 -9.40
C VAL A 379 14.71 -2.49 -10.22
N PRO A 380 15.22 -3.69 -9.88
CA PRO A 380 14.82 -4.86 -10.66
C PRO A 380 13.34 -5.18 -10.59
N TYR A 381 12.78 -5.58 -11.73
CA TYR A 381 11.44 -6.10 -11.79
C TYR A 381 11.26 -7.22 -10.77
N GLY A 382 10.12 -7.20 -10.07
CA GLY A 382 9.80 -8.25 -9.13
C GLY A 382 10.26 -7.97 -7.71
N TRP A 383 11.12 -6.98 -7.54
CA TRP A 383 11.57 -6.62 -6.20
C TRP A 383 10.56 -5.66 -5.57
N THR A 384 9.42 -6.23 -5.18
CA THR A 384 8.23 -5.42 -4.92
C THR A 384 8.34 -4.37 -3.83
N ASP A 385 9.11 -4.62 -2.78
CA ASP A 385 9.31 -3.63 -1.72
C ASP A 385 10.06 -2.40 -2.25
N TRP A 386 11.16 -2.64 -2.95
CA TRP A 386 11.92 -1.55 -3.54
C TRP A 386 11.10 -0.84 -4.63
N MET A 387 10.31 -1.59 -5.38
CA MET A 387 9.45 -1.00 -6.40
C MET A 387 8.48 0.00 -5.74
N MET A 388 7.89 -0.40 -4.62
CA MET A 388 6.95 0.48 -3.93
C MET A 388 7.66 1.72 -3.41
N MET A 389 8.85 1.55 -2.86
N MET A 389 8.85 1.53 -2.83
CA MET A 389 9.63 2.68 -2.37
CA MET A 389 9.69 2.64 -2.39
C MET A 389 10.02 3.64 -3.50
C MET A 389 9.90 3.62 -3.53
N CYS A 390 10.28 3.10 -4.68
CA CYS A 390 10.54 3.92 -5.87
C CYS A 390 9.32 4.76 -6.23
N GLU A 391 8.12 4.18 -6.14
CA GLU A 391 6.93 4.93 -6.51
C GLU A 391 6.70 6.08 -5.54
N MET A 392 6.93 5.82 -4.25
CA MET A 392 6.73 6.84 -3.23
C MET A 392 7.75 7.97 -3.38
N ILE A 393 9.00 7.59 -3.61
CA ILE A 393 10.05 8.59 -3.85
C ILE A 393 9.77 9.40 -5.11
N ALA A 394 9.45 8.72 -6.21
CA ALA A 394 9.24 9.41 -7.48
C ALA A 394 8.10 10.43 -7.41
N LYS A 395 7.02 10.07 -6.70
CA LYS A 395 5.88 10.98 -6.57
C LYS A 395 6.29 12.24 -5.84
N ASN A 396 7.07 12.10 -4.77
N ASN A 396 7.06 12.10 -4.76
CA ASN A 396 7.52 13.26 -4.01
CA ASN A 396 7.53 13.24 -4.00
C ASN A 396 8.52 14.13 -4.76
C ASN A 396 8.48 14.13 -4.81
N LEU A 397 9.38 13.51 -5.56
CA LEU A 397 10.30 14.27 -6.41
C LEU A 397 9.52 15.05 -7.47
N ARG A 398 8.52 14.42 -8.07
CA ARG A 398 7.69 15.11 -9.06
C ARG A 398 7.05 16.33 -8.43
N SER A 399 6.58 16.20 -7.19
N SER A 399 6.62 16.21 -7.17
CA SER A 399 5.95 17.30 -6.48
CA SER A 399 5.93 17.29 -6.47
C SER A 399 6.85 18.53 -6.45
C SER A 399 6.83 18.52 -6.23
N ILE A 400 8.14 18.31 -6.17
CA ILE A 400 9.08 19.43 -6.04
C ILE A 400 9.65 19.89 -7.37
N GLY A 401 9.17 19.32 -8.47
CA GLY A 401 9.60 19.73 -9.79
C GLY A 401 10.76 18.97 -10.41
N ILE A 402 11.04 17.78 -9.90
CA ILE A 402 12.03 16.91 -10.52
C ILE A 402 11.26 15.77 -11.18
N ASP A 403 11.29 15.74 -12.50
CA ASP A 403 10.46 14.80 -13.26
C ASP A 403 11.04 13.40 -13.26
N VAL A 404 10.64 12.59 -12.28
CA VAL A 404 11.14 11.22 -12.13
C VAL A 404 9.98 10.24 -12.27
N LYS A 405 10.17 9.22 -13.09
CA LYS A 405 9.20 8.14 -13.22
C LYS A 405 9.90 6.83 -12.92
N THR A 406 9.16 5.83 -12.46
CA THR A 406 9.76 4.56 -12.13
C THR A 406 9.95 3.71 -13.37
N GLU A 407 10.94 2.82 -13.33
CA GLU A 407 11.21 1.89 -14.41
C GLU A 407 11.81 0.63 -13.78
N PHE A 408 11.26 -0.53 -14.11
CA PHE A 408 11.66 -1.79 -13.47
C PHE A 408 12.04 -2.86 -14.50
N PRO A 409 13.27 -2.77 -15.03
CA PRO A 409 13.75 -3.75 -16.01
C PRO A 409 14.16 -5.06 -15.34
N ASP A 410 14.36 -6.10 -16.13
CA ASP A 410 14.89 -7.36 -15.62
C ASP A 410 16.19 -7.11 -14.86
N PHE A 411 16.45 -7.93 -13.84
CA PHE A 411 17.65 -7.78 -13.04
C PHE A 411 18.91 -7.56 -13.86
N SER A 412 19.11 -8.39 -14.89
CA SER A 412 20.35 -8.34 -15.67
C SER A 412 20.53 -6.98 -16.33
N VAL A 413 19.43 -6.40 -16.83
CA VAL A 413 19.45 -5.10 -17.48
C VAL A 413 19.68 -3.99 -16.46
N TRP A 414 19.01 -4.08 -15.32
CA TRP A 414 19.21 -3.15 -14.22
C TRP A 414 20.67 -3.12 -13.78
N ALA A 415 21.25 -4.30 -13.56
CA ALA A 415 22.65 -4.39 -13.14
C ALA A 415 23.60 -3.81 -14.16
N ASP A 416 23.30 -4.04 -15.44
CA ASP A 416 24.08 -3.44 -16.51
C ASP A 416 24.09 -1.91 -16.43
N ARG A 417 22.92 -1.33 -16.25
CA ARG A 417 22.81 0.13 -16.22
C ARG A 417 23.46 0.70 -14.96
N MET A 418 23.36 -0.03 -13.86
CA MET A 418 23.97 0.39 -12.62
C MET A 418 25.50 0.37 -12.73
N THR A 419 26.03 -0.80 -13.08
CA THR A 419 27.49 -0.95 -13.11
C THR A 419 28.15 -0.06 -14.16
N LYS A 420 27.45 0.18 -15.27
CA LYS A 420 28.01 1.03 -16.33
C LYS A 420 27.70 2.51 -16.14
N GLY A 421 26.93 2.86 -15.12
CA GLY A 421 26.71 4.26 -14.80
C GLY A 421 25.86 4.98 -15.84
N THR A 422 24.87 4.28 -16.39
CA THR A 422 23.97 4.89 -17.35
C THR A 422 22.59 5.16 -16.74
N PHE A 423 22.42 4.80 -15.47
CA PHE A 423 21.17 5.06 -14.74
C PHE A 423 21.02 6.55 -14.35
N ASP A 424 19.83 6.95 -13.93
CA ASP A 424 19.63 8.27 -13.33
C ASP A 424 19.60 8.14 -11.81
N LEU A 425 18.52 7.54 -11.30
CA LEU A 425 18.42 7.20 -9.89
C LEU A 425 18.18 5.70 -9.79
N ILE A 426 18.73 5.09 -8.75
CA ILE A 426 18.38 3.70 -8.41
C ILE A 426 18.35 3.57 -6.91
N ILE A 427 17.73 2.49 -6.44
CA ILE A 427 18.02 2.02 -5.10
C ILE A 427 18.95 0.84 -5.28
N SER A 428 20.03 0.81 -4.52
CA SER A 428 20.91 -0.36 -4.51
C SER A 428 21.59 -0.54 -3.17
N TRP A 429 22.36 -1.61 -3.05
CA TRP A 429 23.09 -1.91 -1.82
C TRP A 429 24.45 -1.21 -1.78
N SER A 430 25.21 -1.48 -0.74
CA SER A 430 26.57 -0.96 -0.61
C SER A 430 27.44 -1.99 0.10
N VAL A 431 27.76 -1.72 1.37
CA VAL A 431 28.49 -2.70 2.19
C VAL A 431 27.88 -2.70 3.59
N GLY A 432 28.40 -3.54 4.48
CA GLY A 432 27.77 -3.71 5.78
C GLY A 432 28.75 -3.66 6.94
N PRO A 433 28.32 -4.14 8.11
CA PRO A 433 29.17 -4.20 9.29
C PRO A 433 30.41 -5.03 8.97
N SER A 434 31.56 -4.60 9.48
CA SER A 434 32.80 -5.30 9.21
C SER A 434 33.91 -4.74 10.10
N PHE A 435 35.03 -5.45 10.16
CA PHE A 435 36.11 -5.06 11.05
C PHE A 435 36.63 -3.68 10.66
N ASP A 436 36.42 -3.31 9.40
CA ASP A 436 36.92 -2.03 8.90
C ASP A 436 35.82 -1.00 8.64
N HIS A 437 34.65 -1.19 9.24
CA HIS A 437 33.56 -0.22 9.13
C HIS A 437 33.85 1.00 10.03
N PRO A 438 33.61 2.23 9.53
CA PRO A 438 33.02 2.60 8.24
C PRO A 438 34.00 2.92 7.11
N PHE A 439 35.30 2.64 7.27
CA PHE A 439 36.20 2.81 6.14
C PHE A 439 35.63 2.08 4.93
N ASN A 440 35.12 0.87 5.14
CA ASN A 440 34.64 0.08 4.03
C ASN A 440 33.57 0.76 3.17
N ILE A 441 32.64 1.48 3.81
CA ILE A 441 31.56 2.12 3.09
C ILE A 441 32.01 3.40 2.39
N TYR A 442 32.90 4.14 3.02
CA TYR A 442 33.46 5.32 2.35
C TYR A 442 34.26 4.89 1.11
N ARG A 443 35.04 3.82 1.26
CA ARG A 443 35.78 3.25 0.15
C ARG A 443 34.84 2.81 -0.97
N PHE A 444 33.80 2.05 -0.63
CA PHE A 444 32.91 1.53 -1.66
C PHE A 444 32.09 2.60 -2.38
N VAL A 445 31.59 3.57 -1.63
CA VAL A 445 30.65 4.54 -2.19
C VAL A 445 31.34 5.77 -2.79
N LEU A 446 32.43 6.21 -2.17
CA LEU A 446 32.96 7.55 -2.46
C LEU A 446 34.26 7.61 -3.26
N ASP A 447 34.91 6.46 -3.46
CA ASP A 447 36.27 6.44 -3.99
C ASP A 447 36.31 6.31 -5.52
N LYS A 448 36.65 7.41 -6.19
CA LYS A 448 36.75 7.44 -7.64
C LYS A 448 37.66 6.33 -8.20
N ARG A 449 38.62 5.87 -7.40
CA ARG A 449 39.57 4.87 -7.87
C ARG A 449 38.91 3.53 -8.15
N LEU A 450 37.76 3.29 -7.52
CA LEU A 450 37.04 2.05 -7.72
C LEU A 450 36.00 2.16 -8.83
N SER A 451 35.73 3.40 -9.27
CA SER A 451 34.78 3.62 -10.33
C SER A 451 35.40 3.32 -11.70
N LYS A 452 34.59 3.41 -12.74
CA LYS A 452 35.05 3.27 -14.12
C LYS A 452 34.27 4.28 -14.96
N PRO A 453 34.77 4.61 -16.16
CA PRO A 453 34.04 5.56 -16.99
C PRO A 453 32.61 5.09 -17.25
N VAL A 454 31.73 6.03 -17.55
CA VAL A 454 30.37 5.68 -17.96
C VAL A 454 30.49 4.78 -19.18
N GLY A 455 29.75 3.68 -19.17
CA GLY A 455 29.81 2.70 -20.24
C GLY A 455 30.69 1.49 -19.92
N GLU A 456 31.49 1.60 -18.87
CA GLU A 456 32.34 0.50 -18.45
C GLU A 456 31.86 -0.07 -17.13
N VAL A 457 31.89 -1.39 -17.01
CA VAL A 457 31.37 -2.04 -15.82
C VAL A 457 32.28 -1.87 -14.61
N THR A 458 31.70 -1.42 -13.51
CA THR A 458 32.35 -1.58 -12.21
C THR A 458 31.41 -2.19 -11.17
N TRP A 459 31.87 -3.26 -10.55
CA TRP A 459 31.22 -3.83 -9.37
C TRP A 459 31.99 -3.43 -8.12
N ALA A 460 33.15 -2.79 -8.31
CA ALA A 460 34.05 -2.51 -7.20
C ALA A 460 33.62 -1.33 -6.33
N GLY A 461 32.84 -0.41 -6.89
CA GLY A 461 32.37 0.71 -6.11
C GLY A 461 32.10 1.97 -6.91
N ASP A 462 31.54 2.96 -6.22
CA ASP A 462 31.25 4.28 -6.78
C ASP A 462 30.46 4.19 -8.10
N TRP A 463 29.34 3.47 -8.08
CA TRP A 463 28.48 3.37 -9.24
C TRP A 463 27.98 4.73 -9.73
N GLU A 464 27.89 5.68 -8.81
CA GLU A 464 27.33 7.00 -9.12
C GLU A 464 28.36 7.93 -9.76
N ARG A 465 29.58 7.44 -9.92
CA ARG A 465 30.66 8.23 -10.53
C ARG A 465 30.88 9.58 -9.84
N TYR A 466 30.83 9.56 -8.52
CA TYR A 466 31.30 10.67 -7.70
C TYR A 466 32.81 10.80 -7.80
N ASP A 467 33.28 12.04 -7.90
CA ASP A 467 34.70 12.30 -8.16
C ASP A 467 35.17 13.40 -7.22
N ASN A 468 35.94 13.01 -6.22
CA ASN A 468 36.50 13.96 -5.25
C ASN A 468 37.89 13.50 -4.75
N ASP A 469 38.89 14.34 -4.99
CA ASP A 469 40.26 13.97 -4.68
C ASP A 469 40.58 14.10 -3.20
N GLU A 470 39.87 14.97 -2.49
CA GLU A 470 40.10 15.11 -1.07
C GLU A 470 39.72 13.80 -0.36
N VAL A 471 38.61 13.21 -0.77
CA VAL A 471 38.21 11.91 -0.22
C VAL A 471 39.31 10.86 -0.41
N VAL A 472 39.91 10.82 -1.60
CA VAL A 472 41.05 9.92 -1.83
C VAL A 472 42.16 10.18 -0.83
N GLU A 473 42.52 11.45 -0.62
CA GLU A 473 43.56 11.78 0.34
C GLU A 473 43.20 11.33 1.75
N LEU A 474 41.93 11.48 2.12
CA LEU A 474 41.47 11.11 3.45
C LEU A 474 41.51 9.59 3.63
N LEU A 475 41.11 8.85 2.61
CA LEU A 475 41.14 7.39 2.68
C LEU A 475 42.59 6.91 2.79
N ASP A 476 43.48 7.58 2.07
CA ASP A 476 44.90 7.25 2.09
C ASP A 476 45.57 7.46 3.44
N LYS A 477 45.04 8.37 4.26
CA LYS A 477 45.66 8.64 5.55
C LYS A 477 44.90 8.07 6.75
N ALA A 478 43.64 7.67 6.51
CA ALA A 478 42.76 7.24 7.59
C ALA A 478 43.32 6.09 8.43
N VAL A 479 44.05 5.18 7.80
CA VAL A 479 44.59 4.03 8.53
C VAL A 479 46.09 3.85 8.29
N SER A 480 46.81 4.97 8.24
CA SER A 480 48.25 4.95 8.12
C SER A 480 48.89 4.61 9.46
N THR A 481 48.12 4.79 10.53
CA THR A 481 48.45 4.27 11.85
C THR A 481 47.18 3.67 12.43
N LEU A 482 47.31 2.85 13.46
CA LEU A 482 46.15 2.18 14.04
C LEU A 482 45.52 2.96 15.19
N ASP A 483 45.99 4.20 15.38
CA ASP A 483 45.40 5.10 16.35
C ASP A 483 43.99 5.47 15.89
N PRO A 484 42.98 5.12 16.70
CA PRO A 484 41.57 5.32 16.35
C PRO A 484 41.21 6.78 16.11
N GLU A 485 42.01 7.70 16.67
CA GLU A 485 41.73 9.12 16.52
C GLU A 485 42.06 9.61 15.11
N VAL A 486 43.09 9.01 14.53
CA VAL A 486 43.47 9.32 13.14
C VAL A 486 42.31 8.92 12.22
N ARG A 487 41.86 7.69 12.40
CA ARG A 487 40.70 7.14 11.72
C ARG A 487 39.48 8.05 11.89
N LYS A 488 39.17 8.36 13.15
CA LYS A 488 37.98 9.16 13.46
C LYS A 488 38.01 10.54 12.79
N GLN A 489 39.14 11.22 12.85
CA GLN A 489 39.21 12.55 12.25
C GLN A 489 39.03 12.52 10.74
N ALA A 490 39.52 11.47 10.10
CA ALA A 490 39.32 11.31 8.66
C ALA A 490 37.83 11.08 8.35
N TYR A 491 37.20 10.20 9.13
CA TYR A 491 35.79 9.92 8.96
C TYR A 491 34.95 11.20 9.13
N PHE A 492 35.32 12.01 10.11
CA PHE A 492 34.59 13.24 10.42
C PHE A 492 34.65 14.23 9.26
N ARG A 493 35.82 14.37 8.65
CA ARG A 493 35.95 15.24 7.50
C ARG A 493 35.19 14.67 6.30
N ILE A 494 35.25 13.35 6.12
CA ILE A 494 34.47 12.74 5.06
C ILE A 494 32.98 13.01 5.24
N GLN A 495 32.50 13.00 6.49
CA GLN A 495 31.10 13.30 6.76
C GLN A 495 30.74 14.74 6.37
N GLN A 496 31.62 15.69 6.65
CA GLN A 496 31.40 17.07 6.21
C GLN A 496 31.24 17.11 4.69
N ILE A 497 32.10 16.37 4.00
CA ILE A 497 32.06 16.31 2.55
C ILE A 497 30.77 15.66 2.04
N ILE A 498 30.34 14.59 2.69
CA ILE A 498 29.08 13.95 2.33
C ILE A 498 27.90 14.92 2.43
N TYR A 499 27.81 15.67 3.53
CA TYR A 499 26.67 16.56 3.71
C TYR A 499 26.71 17.72 2.72
N ARG A 500 27.92 18.12 2.33
CA ARG A 500 28.08 19.18 1.33
C ARG A 500 27.72 18.73 -0.08
N ASP A 501 28.16 17.53 -0.45
CA ASP A 501 28.06 17.07 -1.84
C ASP A 501 26.90 16.10 -2.10
N MET A 502 26.34 15.53 -1.03
CA MET A 502 25.36 14.44 -1.14
C MET A 502 25.62 13.52 -2.35
N PRO A 503 26.77 12.84 -2.35
CA PRO A 503 27.21 12.09 -3.54
C PRO A 503 26.16 11.04 -3.93
N SER A 504 25.55 10.47 -2.90
CA SER A 504 24.36 9.63 -3.04
C SER A 504 23.77 9.56 -1.63
N ILE A 505 22.55 9.05 -1.53
CA ILE A 505 21.78 9.22 -0.29
C ILE A 505 21.63 7.92 0.50
N PRO A 506 22.28 7.84 1.66
CA PRO A 506 22.07 6.67 2.52
C PRO A 506 20.62 6.72 3.02
N ALA A 507 19.85 5.68 2.75
CA ALA A 507 18.42 5.76 2.96
C ALA A 507 17.91 4.86 4.08
N PHE A 508 18.30 3.60 4.06
CA PHE A 508 17.83 2.68 5.08
C PHE A 508 18.84 1.57 5.30
N TYR A 509 18.72 0.86 6.41
CA TYR A 509 19.57 -0.30 6.64
C TYR A 509 18.88 -1.52 6.03
N THR A 510 19.52 -2.07 5.00
CA THR A 510 18.95 -3.20 4.27
C THR A 510 18.86 -4.42 5.16
N ALA A 511 17.76 -5.13 5.02
CA ALA A 511 17.55 -6.38 5.73
C ALA A 511 18.38 -7.50 5.13
N HIS A 512 19.02 -8.28 6.01
CA HIS A 512 19.68 -9.52 5.62
C HIS A 512 18.58 -10.56 5.40
N TRP A 513 17.87 -10.47 4.27
CA TRP A 513 16.75 -11.38 4.01
C TRP A 513 17.17 -12.83 4.24
N TYR A 514 16.42 -13.52 5.08
CA TYR A 514 16.77 -14.89 5.44
C TYR A 514 15.53 -15.53 6.06
N GLU A 515 14.99 -16.52 5.37
CA GLU A 515 13.90 -17.35 5.88
C GLU A 515 14.26 -18.80 5.57
N TYR A 516 13.81 -19.72 6.41
CA TYR A 516 14.10 -21.13 6.18
C TYR A 516 12.87 -21.99 6.38
N SER A 517 12.85 -23.13 5.72
CA SER A 517 11.84 -24.15 5.98
C SER A 517 12.52 -25.29 6.71
N THR A 518 11.84 -25.85 7.70
CA THR A 518 12.42 -26.99 8.43
C THR A 518 11.80 -28.30 7.99
N LYS A 519 11.15 -28.30 6.83
CA LYS A 519 10.48 -29.50 6.35
C LYS A 519 11.47 -30.62 6.04
N TYR A 520 12.58 -30.28 5.38
CA TYR A 520 13.59 -31.26 5.00
C TYR A 520 14.94 -31.02 5.65
N TRP A 521 15.19 -29.77 6.03
CA TRP A 521 16.50 -29.35 6.52
C TRP A 521 16.37 -28.69 7.87
N ILE A 522 17.22 -29.08 8.83
CA ILE A 522 17.14 -28.56 10.18
C ILE A 522 18.43 -27.93 10.68
N ASN A 523 18.33 -27.26 11.83
CA ASN A 523 19.45 -26.58 12.48
C ASN A 523 19.96 -25.35 11.73
N TRP A 524 19.06 -24.70 11.02
CA TRP A 524 19.33 -23.39 10.41
C TRP A 524 19.80 -22.39 11.47
N PRO A 525 20.81 -21.57 11.13
CA PRO A 525 21.22 -20.52 12.07
C PRO A 525 20.05 -19.56 12.40
N SER A 526 20.03 -19.07 13.64
CA SER A 526 19.00 -18.14 14.08
C SER A 526 19.42 -17.56 15.43
N GLU A 527 18.58 -16.71 16.00
CA GLU A 527 18.89 -16.09 17.29
C GLU A 527 19.11 -17.15 18.36
N ASP A 528 18.36 -18.26 18.24
CA ASP A 528 18.45 -19.35 19.20
C ASP A 528 19.61 -20.31 18.89
N ASN A 529 20.11 -20.26 17.65
CA ASN A 529 21.25 -21.08 17.22
C ASN A 529 22.18 -20.24 16.35
N PRO A 530 22.87 -19.27 16.95
CA PRO A 530 23.60 -18.26 16.16
C PRO A 530 24.97 -18.78 15.70
N ALA A 531 24.94 -19.87 14.93
CA ALA A 531 26.15 -20.58 14.51
C ALA A 531 26.92 -19.81 13.44
N TRP A 532 26.19 -19.07 12.62
CA TRP A 532 26.76 -18.29 11.54
C TRP A 532 25.89 -17.07 11.29
N PHE A 533 26.51 -15.88 11.26
CA PHE A 533 25.79 -14.61 11.28
C PHE A 533 25.51 -14.03 9.89
N ARG A 534 26.00 -14.69 8.84
CA ARG A 534 25.65 -14.31 7.47
C ARG A 534 25.03 -15.47 6.69
N PRO A 535 23.85 -15.93 7.12
CA PRO A 535 23.24 -17.11 6.48
C PRO A 535 22.40 -16.84 5.23
N SER A 536 22.20 -15.58 4.83
CA SER A 536 21.38 -15.34 3.65
C SER A 536 22.00 -15.99 2.42
N PRO A 537 21.18 -16.68 1.61
CA PRO A 537 21.75 -17.46 0.49
C PRO A 537 22.46 -16.61 -0.58
N TRP A 538 22.14 -15.32 -0.65
CA TRP A 538 22.85 -14.47 -1.61
C TRP A 538 24.10 -13.82 -1.04
N HIS A 539 24.34 -13.96 0.26
CA HIS A 539 25.47 -13.24 0.84
C HIS A 539 26.82 -13.82 0.41
N ALA A 540 27.79 -12.95 0.18
CA ALA A 540 29.13 -13.37 -0.20
C ALA A 540 29.69 -14.42 0.74
N ASP A 541 29.25 -14.36 2.00
CA ASP A 541 29.83 -15.17 3.07
C ASP A 541 28.88 -16.25 3.59
N ALA A 542 27.95 -16.68 2.75
CA ALA A 542 26.90 -17.65 3.14
C ALA A 542 27.37 -19.09 3.37
N TRP A 543 28.49 -19.48 2.77
CA TRP A 543 28.79 -20.91 2.62
C TRP A 543 28.80 -21.77 3.90
N PRO A 544 29.25 -21.22 5.04
CA PRO A 544 29.26 -22.11 6.21
C PRO A 544 27.88 -22.62 6.60
N THR A 545 26.83 -21.91 6.20
CA THR A 545 25.46 -22.32 6.50
C THR A 545 25.23 -23.76 6.03
N LEU A 546 25.84 -24.11 4.90
CA LEU A 546 25.62 -25.42 4.29
C LEU A 546 26.32 -26.55 5.04
N PHE A 547 27.26 -26.19 5.90
CA PHE A 547 27.95 -27.17 6.75
C PHE A 547 27.26 -27.33 8.11
N ILE A 548 26.38 -26.40 8.43
CA ILE A 548 25.74 -26.32 9.74
C ILE A 548 24.43 -27.08 9.76
N ILE A 549 23.66 -26.94 8.69
CA ILE A 549 22.37 -27.60 8.60
C ILE A 549 22.56 -29.10 8.38
N SER A 550 21.50 -29.87 8.60
CA SER A 550 21.54 -31.26 8.19
C SER A 550 20.15 -31.75 7.81
N LYS A 551 20.07 -32.94 7.23
CA LYS A 551 18.80 -33.53 6.87
C LYS A 551 18.02 -33.89 8.11
N LYS A 552 16.71 -33.64 8.09
CA LYS A 552 15.86 -34.00 9.21
C LYS A 552 15.99 -35.50 9.50
N SER A 553 16.09 -36.28 8.44
CA SER A 553 16.14 -37.74 8.59
C SER A 553 17.56 -38.27 8.88
N ASP A 554 18.53 -37.38 8.96
CA ASP A 554 19.91 -37.80 9.19
C ASP A 554 20.70 -36.68 9.87
N PRO A 555 20.31 -36.32 11.10
CA PRO A 555 20.91 -35.19 11.83
C PRO A 555 22.40 -35.38 12.09
N GLN A 556 23.16 -34.31 11.92
CA GLN A 556 24.61 -34.32 12.12
C GLN A 556 25.01 -33.26 13.14
N PRO A 557 26.19 -33.43 13.76
CA PRO A 557 26.62 -32.49 14.81
C PRO A 557 27.10 -31.15 14.24
N VAL A 558 27.29 -30.19 15.13
CA VAL A 558 27.81 -28.89 14.73
C VAL A 558 29.23 -29.06 14.22
N PRO A 559 29.57 -28.35 13.13
CA PRO A 559 30.96 -28.40 12.66
C PRO A 559 31.93 -28.05 13.78
N SER A 560 32.95 -28.89 13.95
CA SER A 560 33.91 -28.73 15.03
C SER A 560 34.82 -27.52 14.87
N TRP A 561 34.92 -27.02 13.63
CA TRP A 561 35.85 -25.94 13.34
C TRP A 561 35.30 -24.55 13.62
N LEU A 562 33.98 -24.45 13.77
CA LEU A 562 33.38 -23.17 14.14
C LEU A 562 33.80 -22.81 15.57
N GLY A 563 34.02 -21.53 15.80
CA GLY A 563 34.50 -21.05 17.09
C GLY A 563 35.95 -20.60 17.01
N THR A 564 36.35 -19.74 17.94
CA THR A 564 37.73 -19.30 17.99
C THR A 564 38.62 -20.45 18.45
N VAL A 565 39.93 -20.31 18.25
CA VAL A 565 40.89 -21.31 18.68
C VAL A 565 40.74 -21.62 20.17
N ASP A 566 40.58 -20.58 20.98
CA ASP A 566 40.47 -20.76 22.42
C ASP A 566 39.17 -21.49 22.82
N GLU A 567 38.17 -21.44 21.95
CA GLU A 567 36.90 -22.10 22.20
C GLU A 567 36.88 -23.54 21.70
N GLY A 568 37.88 -23.90 20.91
CA GLY A 568 37.98 -25.25 20.38
C GLY A 568 37.82 -25.32 18.87
N GLY A 569 37.55 -24.17 18.24
CA GLY A 569 37.44 -24.12 16.79
C GLY A 569 38.76 -23.69 16.19
N ILE A 570 38.73 -23.22 14.95
CA ILE A 570 39.97 -22.84 14.28
C ILE A 570 40.01 -21.36 13.91
N GLU A 571 39.01 -20.60 14.33
CA GLU A 571 38.93 -19.19 13.93
C GLU A 571 39.86 -18.29 14.72
N ILE A 572 40.47 -17.33 14.03
CA ILE A 572 41.40 -16.41 14.64
C ILE A 572 40.74 -15.04 14.86
N PRO A 573 40.67 -14.61 16.13
CA PRO A 573 40.06 -13.30 16.40
C PRO A 573 40.81 -12.18 15.69
N THR A 574 40.08 -11.17 15.25
CA THR A 574 40.68 -10.01 14.59
C THR A 574 41.72 -9.35 15.50
N ALA A 575 41.41 -9.31 16.79
CA ALA A 575 42.32 -8.71 17.77
C ALA A 575 43.68 -9.39 17.77
N LYS A 576 43.70 -10.70 17.58
CA LYS A 576 44.93 -11.47 17.53
C LYS A 576 45.77 -11.08 16.32
N ILE A 577 45.11 -10.88 15.19
CA ILE A 577 45.81 -10.48 13.97
C ILE A 577 46.45 -9.11 14.14
N PHE A 578 45.71 -8.18 14.74
CA PHE A 578 46.28 -6.86 15.00
C PHE A 578 47.40 -6.90 16.04
N GLU A 579 47.29 -7.79 17.02
CA GLU A 579 48.36 -7.99 17.99
C GLU A 579 49.62 -8.43 17.26
N ASP A 580 49.47 -9.41 16.38
CA ASP A 580 50.60 -9.95 15.64
C ASP A 580 51.23 -8.87 14.73
N LEU A 581 50.38 -8.05 14.13
CA LEU A 581 50.85 -6.99 13.26
C LEU A 581 51.69 -6.00 14.07
N GLN A 582 51.18 -5.62 15.24
CA GLN A 582 51.88 -4.68 16.11
C GLN A 582 53.20 -5.26 16.63
N LYS A 583 53.18 -6.53 16.96
CA LYS A 583 54.38 -7.25 17.41
C LYS A 583 55.47 -7.16 16.34
N ALA A 584 55.08 -7.18 15.08
CA ALA A 584 56.03 -7.25 13.98
C ALA A 584 56.63 -5.89 13.59
N THR A 585 56.26 -4.83 14.29
CA THR A 585 56.76 -3.51 13.92
C THR A 585 58.29 -3.43 14.06
N SER B 4 -8.00 31.45 9.87
CA SER B 4 -6.89 30.61 9.47
C SER B 4 -6.96 30.22 7.99
N LEU B 5 -8.16 29.90 7.54
CA LEU B 5 -8.37 29.50 6.15
C LEU B 5 -8.65 30.70 5.25
N PRO B 6 -8.06 30.71 4.05
CA PRO B 6 -8.33 31.79 3.09
C PRO B 6 -9.76 31.72 2.59
N ARG B 7 -10.57 32.72 2.92
CA ARG B 7 -12.02 32.67 2.69
C ARG B 7 -12.39 32.41 1.24
N GLU B 8 -11.69 33.04 0.31
CA GLU B 8 -12.04 32.95 -1.10
C GLU B 8 -11.64 31.61 -1.72
N ASP B 9 -10.82 30.85 -1.00
CA ASP B 9 -10.36 29.55 -1.48
C ASP B 9 -10.94 28.42 -0.65
N THR B 10 -11.93 28.75 0.16
CA THR B 10 -12.57 27.76 1.01
C THR B 10 -14.07 27.67 0.72
N VAL B 11 -14.57 26.44 0.63
CA VAL B 11 -16.02 26.24 0.61
C VAL B 11 -16.44 25.80 2.01
N TYR B 12 -17.31 26.60 2.62
CA TYR B 12 -17.84 26.27 3.93
C TYR B 12 -19.15 25.52 3.73
N ILE B 13 -19.34 24.47 4.51
CA ILE B 13 -20.44 23.53 4.29
C ILE B 13 -21.29 23.41 5.54
N GLY B 14 -22.59 23.19 5.31
CA GLY B 14 -23.53 22.97 6.40
C GLY B 14 -24.43 21.77 6.12
N GLY B 15 -25.01 21.22 7.17
CA GLY B 15 -26.02 20.18 7.05
C GLY B 15 -25.56 18.79 6.65
N ALA B 16 -24.25 18.56 6.56
CA ALA B 16 -23.76 17.23 6.14
C ALA B 16 -23.11 16.45 7.27
N LEU B 17 -22.48 17.17 8.18
CA LEU B 17 -21.79 16.61 9.33
C LEU B 17 -22.57 17.00 10.59
N TRP B 18 -23.07 16.00 11.30
CA TRP B 18 -23.79 16.20 12.55
C TRP B 18 -23.14 15.34 13.62
N GLY B 19 -23.00 15.90 14.82
CA GLY B 19 -22.25 15.22 15.86
C GLY B 19 -20.75 15.32 15.62
N PRO B 20 -19.95 14.73 16.50
CA PRO B 20 -18.49 14.86 16.40
C PRO B 20 -17.92 14.07 15.23
N ALA B 21 -16.74 14.46 14.76
CA ALA B 21 -16.01 13.59 13.84
C ALA B 21 -15.77 12.27 14.54
N THR B 22 -15.65 11.19 13.78
CA THR B 22 -15.41 9.88 14.35
C THR B 22 -14.11 9.31 13.79
N THR B 23 -14.19 8.71 12.60
CA THR B 23 -12.99 8.23 11.92
C THR B 23 -12.98 8.62 10.45
N TRP B 24 -11.92 8.26 9.75
CA TRP B 24 -11.83 8.38 8.30
C TRP B 24 -11.56 7.00 7.73
N ASN B 25 -12.22 6.02 8.34
CA ASN B 25 -12.02 4.61 8.04
C ASN B 25 -13.35 3.95 7.72
N LEU B 26 -13.53 3.56 6.46
CA LEU B 26 -14.82 3.02 6.02
C LEU B 26 -15.15 1.64 6.59
N TYR B 27 -14.19 1.03 7.29
CA TYR B 27 -14.38 -0.25 7.93
C TYR B 27 -14.71 -0.10 9.42
N ALA B 28 -14.71 1.14 9.91
CA ALA B 28 -15.06 1.41 11.30
C ALA B 28 -16.57 1.52 11.45
N PRO B 29 -17.09 1.32 12.68
CA PRO B 29 -18.53 1.38 12.92
C PRO B 29 -19.14 2.72 12.49
N GLN B 30 -18.39 3.80 12.61
CA GLN B 30 -18.81 5.10 12.09
C GLN B 30 -17.62 5.81 11.47
N SER B 31 -17.86 6.49 10.35
CA SER B 31 -16.86 7.36 9.76
C SER B 31 -17.43 8.75 9.52
N THR B 32 -16.54 9.69 9.25
CA THR B 32 -16.86 11.10 9.22
C THR B 32 -17.24 11.57 7.81
N TRP B 33 -18.28 12.38 7.73
CA TRP B 33 -18.67 12.97 6.46
C TRP B 33 -17.44 13.46 5.71
N GLY B 34 -17.38 13.14 4.42
CA GLY B 34 -16.28 13.53 3.57
C GLY B 34 -15.40 12.34 3.22
N THR B 35 -15.40 11.33 4.08
CA THR B 35 -14.52 10.17 3.87
C THR B 35 -14.89 9.44 2.58
N ASP B 36 -16.14 8.98 2.49
CA ASP B 36 -16.57 8.30 1.29
C ASP B 36 -16.74 9.31 0.15
N GLN B 37 -17.32 10.45 0.45
CA GLN B 37 -17.64 11.40 -0.60
C GLN B 37 -16.41 11.84 -1.41
N PHE B 38 -15.32 12.17 -0.71
CA PHE B 38 -14.21 12.86 -1.38
C PHE B 38 -12.87 12.15 -1.32
N MET B 39 -12.67 11.28 -0.33
CA MET B 39 -11.37 10.64 -0.16
C MET B 39 -11.20 9.34 -0.96
N TYR B 40 -12.28 8.61 -1.16
CA TYR B 40 -12.20 7.30 -1.81
C TYR B 40 -13.18 7.20 -2.97
N LEU B 41 -12.67 7.25 -4.18
CA LEU B 41 -13.49 7.27 -5.38
C LEU B 41 -13.75 5.86 -5.94
N PRO B 42 -14.77 5.73 -6.80
CA PRO B 42 -15.08 4.44 -7.43
C PRO B 42 -14.43 4.24 -8.79
N ALA B 43 -14.53 3.00 -9.31
CA ALA B 43 -14.07 2.69 -10.66
C ALA B 43 -14.85 3.53 -11.67
N PHE B 44 -16.17 3.47 -11.59
CA PHE B 44 -17.06 4.31 -12.38
C PHE B 44 -18.00 5.03 -11.43
N GLN B 45 -18.25 6.30 -11.71
CA GLN B 45 -19.21 7.09 -10.96
C GLN B 45 -20.56 7.15 -11.69
N TYR B 46 -21.60 6.59 -11.08
CA TYR B 46 -22.93 6.70 -11.68
C TYR B 46 -23.44 8.16 -11.68
N ASP B 47 -24.01 8.55 -12.81
CA ASP B 47 -24.54 9.90 -13.02
C ASP B 47 -26.03 9.76 -13.22
N LEU B 48 -26.78 9.92 -12.13
CA LEU B 48 -28.23 9.78 -12.18
C LEU B 48 -28.87 10.77 -13.16
N GLY B 49 -28.33 11.99 -13.18
CA GLY B 49 -28.88 13.03 -14.03
C GLY B 49 -28.86 12.69 -15.51
N ARG B 50 -27.83 11.96 -15.93
CA ARG B 50 -27.68 11.63 -17.35
C ARG B 50 -27.93 10.16 -17.62
N ASP B 51 -28.27 9.40 -16.57
CA ASP B 51 -28.28 7.94 -16.64
C ASP B 51 -27.05 7.40 -17.37
N ALA B 52 -25.88 7.76 -16.87
CA ALA B 52 -24.64 7.39 -17.52
C ALA B 52 -23.58 7.17 -16.45
N TRP B 53 -22.40 6.71 -16.86
CA TRP B 53 -21.35 6.35 -15.93
C TRP B 53 -20.05 7.06 -16.31
N ILE B 54 -19.49 7.81 -15.37
CA ILE B 54 -18.17 8.42 -15.57
C ILE B 54 -17.07 7.42 -15.26
N PRO B 55 -16.18 7.15 -16.24
CA PRO B 55 -15.02 6.31 -15.90
C PRO B 55 -14.07 7.13 -15.05
N VAL B 56 -13.90 6.77 -13.78
CA VAL B 56 -13.10 7.54 -12.86
C VAL B 56 -11.75 6.84 -12.65
N ILE B 57 -11.65 5.98 -11.64
CA ILE B 57 -10.42 5.19 -11.47
C ILE B 57 -10.24 4.23 -12.65
N ALA B 58 -11.35 3.73 -13.18
CA ALA B 58 -11.32 2.91 -14.39
C ALA B 58 -11.40 3.78 -15.64
N GLU B 59 -10.80 3.33 -16.73
CA GLU B 59 -10.96 4.04 -17.99
C GLU B 59 -11.94 3.36 -18.95
N ARG B 60 -12.16 2.06 -18.76
CA ARG B 60 -13.07 1.31 -19.63
C ARG B 60 -13.38 -0.05 -19.04
N TYR B 61 -14.37 -0.73 -19.62
CA TYR B 61 -14.72 -2.10 -19.26
C TYR B 61 -14.79 -2.94 -20.52
N GLU B 62 -14.76 -4.25 -20.35
CA GLU B 62 -14.97 -5.18 -21.46
C GLU B 62 -15.65 -6.43 -20.92
N PHE B 63 -16.79 -6.79 -21.49
CA PHE B 63 -17.43 -8.06 -21.15
C PHE B 63 -16.71 -9.21 -21.84
N VAL B 64 -16.22 -10.16 -21.05
CA VAL B 64 -15.68 -11.40 -21.58
C VAL B 64 -16.84 -12.29 -22.01
N ASP B 65 -17.87 -12.35 -21.17
CA ASP B 65 -19.19 -12.83 -21.57
C ASP B 65 -20.22 -12.04 -20.77
N ASP B 66 -21.50 -12.43 -20.84
CA ASP B 66 -22.53 -11.62 -20.18
C ASP B 66 -22.42 -11.68 -18.65
N LYS B 67 -21.65 -12.64 -18.15
CA LYS B 67 -21.52 -12.85 -16.70
C LYS B 67 -20.10 -12.57 -16.18
N THR B 68 -19.23 -12.06 -17.06
CA THR B 68 -17.83 -11.88 -16.70
C THR B 68 -17.34 -10.54 -17.22
N LEU B 69 -17.04 -9.62 -16.31
CA LEU B 69 -16.75 -8.24 -16.69
C LEU B 69 -15.34 -7.86 -16.25
N ARG B 70 -14.55 -7.38 -17.20
CA ARG B 70 -13.24 -6.82 -16.87
C ARG B 70 -13.29 -5.31 -16.80
N ILE B 71 -12.60 -4.76 -15.81
CA ILE B 71 -12.51 -3.32 -15.63
C ILE B 71 -11.05 -2.95 -15.70
N TYR B 72 -10.75 -1.95 -16.54
CA TYR B 72 -9.39 -1.56 -16.82
C TYR B 72 -9.06 -0.27 -16.09
N ILE B 73 -8.17 -0.38 -15.11
CA ILE B 73 -7.77 0.75 -14.28
C ILE B 73 -6.89 1.69 -15.07
N ARG B 74 -7.13 3.00 -14.94
CA ARG B 74 -6.29 3.97 -15.62
C ARG B 74 -4.83 3.80 -15.22
N PRO B 75 -3.92 3.85 -16.21
CA PRO B 75 -2.48 3.81 -15.90
C PRO B 75 -2.12 4.93 -14.92
N GLU B 76 -2.84 6.05 -14.99
CA GLU B 76 -2.55 7.22 -14.17
C GLU B 76 -3.05 7.10 -12.72
N ALA B 77 -3.98 6.19 -12.48
CA ALA B 77 -4.59 6.10 -11.15
C ALA B 77 -3.60 5.65 -10.09
N ARG B 78 -3.43 6.50 -9.08
CA ARG B 78 -2.35 6.36 -8.13
C ARG B 78 -2.80 6.92 -6.79
N TRP B 79 -2.54 6.18 -5.71
CA TRP B 79 -2.84 6.66 -4.37
C TRP B 79 -2.05 7.93 -4.07
N SER B 80 -2.49 8.70 -3.09
CA SER B 80 -1.84 9.99 -2.81
C SER B 80 -0.42 9.86 -2.26
N ASP B 81 0.00 8.64 -1.91
CA ASP B 81 1.38 8.42 -1.46
C ASP B 81 2.29 8.01 -2.61
N GLY B 82 1.73 7.93 -3.81
CA GLY B 82 2.49 7.60 -5.01
C GLY B 82 2.36 6.15 -5.48
N VAL B 83 1.77 5.29 -4.65
CA VAL B 83 1.63 3.89 -5.02
C VAL B 83 0.51 3.72 -6.05
N PRO B 84 0.79 3.04 -7.18
CA PRO B 84 -0.26 2.77 -8.17
C PRO B 84 -1.52 2.16 -7.56
N ILE B 85 -2.68 2.59 -8.03
CA ILE B 85 -3.90 1.87 -7.69
C ILE B 85 -3.96 0.67 -8.62
N THR B 86 -4.06 -0.52 -8.03
CA THR B 86 -3.96 -1.75 -8.82
C THR B 86 -5.17 -2.64 -8.60
N ALA B 87 -5.26 -3.71 -9.39
CA ALA B 87 -6.38 -4.62 -9.26
C ALA B 87 -6.41 -5.27 -7.87
N ASP B 88 -5.24 -5.52 -7.30
CA ASP B 88 -5.16 -6.06 -5.96
C ASP B 88 -5.91 -5.18 -4.94
N ASP B 89 -5.94 -3.87 -5.18
CA ASP B 89 -6.65 -2.95 -4.28
C ASP B 89 -8.16 -3.15 -4.31
N PHE B 90 -8.68 -3.46 -5.49
CA PHE B 90 -10.09 -3.78 -5.65
C PHE B 90 -10.45 -5.10 -4.98
N VAL B 91 -9.66 -6.13 -5.27
CA VAL B 91 -9.88 -7.42 -4.62
C VAL B 91 -9.83 -7.25 -3.10
N TYR B 92 -8.80 -6.55 -2.63
CA TYR B 92 -8.59 -6.39 -1.20
C TYR B 92 -9.77 -5.74 -0.50
N ALA B 93 -10.30 -4.68 -1.10
CA ALA B 93 -11.37 -3.92 -0.47
C ALA B 93 -12.58 -4.80 -0.25
N LEU B 94 -12.94 -5.57 -1.28
CA LEU B 94 -14.14 -6.41 -1.19
C LEU B 94 -13.92 -7.61 -0.28
N GLU B 95 -12.75 -8.22 -0.35
CA GLU B 95 -12.49 -9.36 0.51
C GLU B 95 -12.48 -8.93 1.98
N LEU B 96 -11.97 -7.73 2.24
CA LEU B 96 -11.93 -7.23 3.62
C LEU B 96 -13.34 -6.98 4.15
N THR B 97 -14.19 -6.38 3.31
CA THR B 97 -15.59 -6.19 3.68
C THR B 97 -16.26 -7.51 4.02
N LYS B 98 -16.01 -8.53 3.19
CA LYS B 98 -16.57 -9.86 3.44
C LYS B 98 -16.05 -10.42 4.77
N GLU B 99 -14.74 -10.30 5.00
CA GLU B 99 -14.12 -10.82 6.22
C GLU B 99 -14.65 -10.14 7.48
N LEU B 100 -14.74 -8.81 7.44
CA LEU B 100 -15.10 -8.01 8.61
C LEU B 100 -16.60 -7.93 8.87
N GLY B 101 -17.40 -8.17 7.85
CA GLY B 101 -18.84 -8.08 7.98
C GLY B 101 -19.30 -6.64 7.99
N ILE B 102 -18.42 -5.76 7.54
CA ILE B 102 -18.66 -4.33 7.50
C ILE B 102 -17.69 -3.71 6.50
N GLY B 103 -18.03 -2.54 5.97
CA GLY B 103 -17.16 -1.88 5.02
C GLY B 103 -17.84 -1.70 3.69
N PRO B 104 -17.17 -1.02 2.75
CA PRO B 104 -17.75 -0.68 1.45
C PRO B 104 -18.06 -1.92 0.59
N GLY B 105 -19.17 -1.87 -0.12
CA GLY B 105 -19.53 -2.95 -1.03
C GLY B 105 -20.19 -4.13 -0.33
N GLY B 106 -20.82 -3.87 0.81
CA GLY B 106 -21.47 -4.93 1.57
C GLY B 106 -22.48 -5.69 0.75
N GLY B 107 -22.42 -7.02 0.82
CA GLY B 107 -23.34 -7.89 0.12
C GLY B 107 -22.86 -8.32 -1.25
N TRP B 108 -21.69 -7.82 -1.67
CA TRP B 108 -21.16 -8.16 -2.99
C TRP B 108 -21.11 -9.67 -3.24
N ASP B 109 -20.72 -10.44 -2.21
CA ASP B 109 -20.45 -11.85 -2.37
C ASP B 109 -21.72 -12.69 -2.54
N THR B 110 -22.86 -12.02 -2.42
CA THR B 110 -24.14 -12.67 -2.66
C THR B 110 -24.42 -12.78 -4.15
N TYR B 111 -24.02 -11.77 -4.92
CA TYR B 111 -24.30 -11.75 -6.35
C TYR B 111 -23.07 -11.83 -7.24
N ILE B 112 -21.89 -11.77 -6.62
CA ILE B 112 -20.62 -11.89 -7.35
C ILE B 112 -19.89 -13.14 -6.90
N GLU B 113 -19.58 -14.01 -7.86
CA GLU B 113 -18.88 -15.26 -7.58
C GLU B 113 -17.45 -14.98 -7.12
N TYR B 114 -16.75 -14.12 -7.85
CA TYR B 114 -15.40 -13.73 -7.44
C TYR B 114 -15.02 -12.37 -8.00
N VAL B 115 -14.01 -11.78 -7.39
CA VAL B 115 -13.34 -10.61 -7.95
C VAL B 115 -11.87 -10.99 -7.95
N LYS B 116 -11.21 -10.78 -9.08
CA LYS B 116 -9.88 -11.34 -9.31
C LYS B 116 -8.98 -10.36 -10.04
N ALA B 117 -7.72 -10.30 -9.63
CA ALA B 117 -6.75 -9.48 -10.34
C ALA B 117 -6.19 -10.30 -11.50
N VAL B 118 -6.66 -10.03 -12.71
CA VAL B 118 -6.17 -10.79 -13.88
C VAL B 118 -4.90 -10.18 -14.49
N ASP B 119 -4.65 -8.92 -14.17
CA ASP B 119 -3.37 -8.28 -14.49
C ASP B 119 -3.22 -7.11 -13.53
N THR B 120 -2.06 -6.46 -13.54
CA THR B 120 -1.78 -5.40 -12.58
C THR B 120 -2.89 -4.35 -12.56
N LYS B 121 -3.37 -3.97 -13.74
CA LYS B 121 -4.36 -2.92 -13.86
C LYS B 121 -5.70 -3.42 -14.40
N VAL B 122 -5.97 -4.72 -14.25
CA VAL B 122 -7.19 -5.29 -14.77
C VAL B 122 -7.87 -6.16 -13.72
N VAL B 123 -9.10 -5.80 -13.35
N VAL B 123 -9.10 -5.77 -13.36
CA VAL B 123 -9.84 -6.59 -12.39
CA VAL B 123 -9.91 -6.52 -12.42
C VAL B 123 -11.05 -7.24 -13.05
C VAL B 123 -10.95 -7.30 -13.20
N GLU B 124 -11.23 -8.52 -12.76
CA GLU B 124 -12.31 -9.29 -13.34
C GLU B 124 -13.37 -9.63 -12.30
N PHE B 125 -14.62 -9.38 -12.65
CA PHE B 125 -15.77 -9.70 -11.80
C PHE B 125 -16.60 -10.76 -12.49
N LYS B 126 -16.99 -11.79 -11.75
CA LYS B 126 -17.83 -12.86 -12.28
C LYS B 126 -19.14 -12.89 -11.52
N ALA B 127 -20.26 -12.86 -12.26
CA ALA B 127 -21.58 -12.97 -11.64
C ALA B 127 -21.82 -14.36 -11.08
N LYS B 128 -22.50 -14.42 -9.94
CA LYS B 128 -22.92 -15.68 -9.36
C LYS B 128 -24.10 -16.21 -10.18
N GLU B 129 -23.97 -17.44 -10.66
CA GLU B 129 -24.97 -17.99 -11.59
C GLU B 129 -26.23 -18.52 -10.89
N GLU B 130 -26.07 -19.12 -9.72
CA GLU B 130 -27.18 -19.71 -8.97
C GLU B 130 -28.33 -18.73 -8.77
N ASN B 131 -28.00 -17.50 -8.38
CA ASN B 131 -28.98 -16.45 -8.22
C ASN B 131 -28.63 -15.25 -9.09
N LEU B 132 -28.46 -15.51 -10.39
CA LEU B 132 -28.03 -14.48 -11.33
C LEU B 132 -28.84 -13.20 -11.17
N ASN B 133 -28.13 -12.08 -11.00
CA ASN B 133 -28.78 -10.78 -10.91
C ASN B 133 -27.94 -9.76 -11.66
N TYR B 134 -28.39 -9.40 -12.85
CA TYR B 134 -27.60 -8.53 -13.72
C TYR B 134 -27.42 -7.14 -13.14
N PHE B 135 -28.43 -6.63 -12.45
CA PHE B 135 -28.33 -5.31 -11.82
C PHE B 135 -27.22 -5.26 -10.77
N GLN B 136 -27.24 -6.22 -9.84
CA GLN B 136 -26.25 -6.26 -8.77
C GLN B 136 -24.86 -6.55 -9.32
N PHE B 137 -24.79 -7.41 -10.31
CA PHE B 137 -23.53 -7.68 -11.00
C PHE B 137 -22.88 -6.37 -11.45
N LEU B 138 -23.67 -5.54 -12.12
CA LEU B 138 -23.15 -4.26 -12.61
C LEU B 138 -22.88 -3.25 -11.48
N SER B 139 -23.76 -3.17 -10.49
CA SER B 139 -23.58 -2.23 -9.39
C SER B 139 -22.29 -2.46 -8.63
N TYR B 140 -22.03 -3.70 -8.25
CA TYR B 140 -20.88 -4.02 -7.43
C TYR B 140 -19.58 -3.94 -8.21
N SER B 141 -19.66 -4.15 -9.52
N SER B 141 -19.67 -4.15 -9.52
CA SER B 141 -18.45 -4.15 -10.35
CA SER B 141 -18.47 -4.16 -10.36
C SER B 141 -18.10 -2.74 -10.83
C SER B 141 -18.11 -2.74 -10.82
N LEU B 142 -19.01 -2.11 -11.56
CA LEU B 142 -18.78 -0.76 -12.06
C LEU B 142 -18.55 0.22 -10.92
N GLY B 143 -19.27 0.05 -9.83
CA GLY B 143 -19.21 0.97 -8.71
C GLY B 143 -18.15 0.59 -7.68
N ALA B 144 -17.34 -0.42 -7.97
CA ALA B 144 -16.35 -0.89 -7.01
C ALA B 144 -15.39 0.22 -6.58
N GLN B 145 -15.13 0.29 -5.27
CA GLN B 145 -14.20 1.27 -4.72
C GLN B 145 -12.97 0.55 -4.17
N PRO B 146 -11.80 0.81 -4.76
CA PRO B 146 -10.60 0.18 -4.22
C PRO B 146 -10.20 0.83 -2.90
N MET B 147 -9.44 0.07 -2.12
CA MET B 147 -8.90 0.60 -0.89
C MET B 147 -7.41 0.23 -0.86
N PRO B 148 -6.59 1.06 -0.21
CA PRO B 148 -5.13 0.87 -0.33
C PRO B 148 -4.64 -0.34 0.46
N LYS B 149 -4.44 -1.46 -0.23
CA LYS B 149 -4.01 -2.68 0.41
C LYS B 149 -2.73 -2.49 1.22
N HIS B 150 -1.77 -1.75 0.66
CA HIS B 150 -0.48 -1.59 1.31
C HIS B 150 -0.58 -0.78 2.60
N VAL B 151 -1.64 0.02 2.71
CA VAL B 151 -1.91 0.78 3.92
C VAL B 151 -2.61 -0.10 4.95
N TYR B 152 -3.69 -0.77 4.54
CA TYR B 152 -4.51 -1.55 5.47
C TYR B 152 -3.83 -2.78 6.07
N GLU B 153 -2.95 -3.41 5.31
CA GLU B 153 -2.21 -4.57 5.80
C GLU B 153 -1.25 -4.12 6.87
N ARG B 154 -0.77 -2.89 6.71
CA ARG B 154 0.08 -2.24 7.69
C ARG B 154 -0.65 -1.99 9.00
N ILE B 155 -1.83 -1.37 8.92
CA ILE B 155 -2.63 -1.10 10.10
C ILE B 155 -2.98 -2.37 10.86
N ARG B 156 -3.34 -3.40 10.10
CA ARG B 156 -3.79 -4.66 10.65
C ARG B 156 -2.72 -5.37 11.48
N ALA B 157 -1.45 -5.12 11.15
CA ALA B 157 -0.34 -5.67 11.91
C ALA B 157 -0.14 -4.90 13.21
N GLN B 158 -0.72 -3.70 13.27
CA GLN B 158 -0.54 -2.79 14.40
C GLN B 158 -1.72 -2.81 15.35
N MET B 159 -2.92 -3.07 14.82
CA MET B 159 -4.15 -2.98 15.59
C MET B 159 -5.30 -3.66 14.86
N ASN B 160 -6.46 -3.72 15.52
CA ASN B 160 -7.69 -4.15 14.87
C ASN B 160 -8.15 -3.07 13.90
N ILE B 161 -8.35 -3.43 12.65
CA ILE B 161 -8.69 -2.44 11.62
C ILE B 161 -9.93 -1.63 11.99
N LYS B 162 -10.89 -2.28 12.66
CA LYS B 162 -12.11 -1.60 13.05
C LYS B 162 -11.88 -0.47 14.06
N ASP B 163 -10.75 -0.53 14.76
CA ASP B 163 -10.41 0.49 15.76
C ASP B 163 -9.57 1.64 15.19
N TRP B 164 -9.08 1.48 13.96
CA TRP B 164 -8.23 2.49 13.34
C TRP B 164 -8.99 3.75 12.99
N ILE B 165 -8.45 4.90 13.39
CA ILE B 165 -9.12 6.18 13.18
C ILE B 165 -8.74 6.83 11.84
N ASN B 166 -7.51 6.60 11.38
CA ASN B 166 -7.02 7.22 10.16
C ASN B 166 -7.15 8.75 10.17
N ASP B 167 -6.73 9.38 11.27
CA ASP B 167 -6.92 10.83 11.41
C ASP B 167 -5.64 11.65 11.34
N LYS B 168 -4.57 11.05 10.84
CA LYS B 168 -3.32 11.76 10.66
C LYS B 168 -3.19 12.24 9.21
N PRO B 169 -3.33 13.55 8.99
CA PRO B 169 -3.34 14.12 7.64
C PRO B 169 -2.14 13.71 6.78
N GLU B 170 -0.94 13.76 7.35
CA GLU B 170 0.25 13.38 6.61
C GLU B 170 0.21 11.91 6.20
N GLU B 171 -0.34 11.07 7.07
CA GLU B 171 -0.32 9.62 6.84
C GLU B 171 -1.49 9.15 5.97
N GLN B 172 -2.50 9.98 5.79
CA GLN B 172 -3.68 9.59 5.03
C GLN B 172 -3.35 9.28 3.56
N VAL B 173 -3.83 8.13 3.09
CA VAL B 173 -3.62 7.70 1.71
C VAL B 173 -4.96 7.59 1.00
N VAL B 174 -5.17 8.43 0.00
CA VAL B 174 -6.49 8.57 -0.62
C VAL B 174 -6.45 8.48 -2.14
N SER B 175 -7.58 8.14 -2.74
CA SER B 175 -7.69 8.11 -4.20
C SER B 175 -8.44 9.32 -4.75
N GLY B 176 -9.08 10.08 -3.87
CA GLY B 176 -9.80 11.27 -4.28
C GLY B 176 -8.95 12.54 -4.25
N PRO B 177 -9.55 13.68 -4.60
CA PRO B 177 -8.81 14.95 -4.70
C PRO B 177 -8.70 15.73 -3.37
N TYR B 178 -9.25 15.19 -2.29
CA TYR B 178 -9.13 15.80 -0.97
C TYR B 178 -8.67 14.79 0.09
N LYS B 179 -8.00 15.29 1.12
CA LYS B 179 -7.75 14.50 2.32
C LYS B 179 -7.94 15.40 3.54
N LEU B 180 -7.95 14.78 4.72
CA LEU B 180 -8.12 15.53 5.96
C LEU B 180 -6.99 16.55 6.14
N TYR B 181 -7.35 17.73 6.63
CA TYR B 181 -6.38 18.80 6.88
C TYR B 181 -6.31 19.06 8.37
N TYR B 182 -7.47 19.20 9.00
CA TYR B 182 -7.55 19.55 10.41
C TYR B 182 -8.93 19.25 10.95
N TYR B 183 -9.01 18.84 12.21
CA TYR B 183 -10.31 18.75 12.89
C TYR B 183 -10.22 18.94 14.39
N ASP B 184 -11.31 19.46 14.96
CA ASP B 184 -11.47 19.53 16.40
C ASP B 184 -12.96 19.35 16.72
N PRO B 185 -13.35 19.43 18.01
CA PRO B 185 -14.76 19.21 18.32
C PRO B 185 -15.73 20.16 17.61
N ASN B 186 -15.21 21.19 16.93
CA ASN B 186 -16.11 22.17 16.32
C ASN B 186 -15.98 22.32 14.81
N ILE B 187 -15.08 21.56 14.19
CA ILE B 187 -14.86 21.71 12.75
C ILE B 187 -14.13 20.51 12.15
N VAL B 188 -14.43 20.23 10.89
CA VAL B 188 -13.66 19.29 10.10
C VAL B 188 -13.27 19.99 8.81
N VAL B 189 -11.97 19.93 8.48
CA VAL B 189 -11.48 20.61 7.28
C VAL B 189 -10.71 19.64 6.39
N TYR B 190 -11.01 19.70 5.09
CA TYR B 190 -10.28 18.93 4.09
C TYR B 190 -9.46 19.87 3.21
N GLN B 191 -8.29 19.40 2.77
CA GLN B 191 -7.47 20.19 1.85
C GLN B 191 -7.29 19.45 0.54
N ARG B 192 -7.32 20.20 -0.56
CA ARG B 192 -7.11 19.65 -1.89
C ARG B 192 -5.73 18.99 -2.01
N VAL B 193 -5.70 17.87 -2.72
CA VAL B 193 -4.44 17.19 -3.06
C VAL B 193 -3.99 17.74 -4.40
N ASP B 194 -2.99 18.62 -4.40
CA ASP B 194 -2.67 19.38 -5.60
C ASP B 194 -2.05 18.54 -6.69
N ASP B 195 -1.39 17.44 -6.31
CA ASP B 195 -0.83 16.52 -7.28
C ASP B 195 -1.68 15.26 -7.42
N TRP B 196 -2.98 15.40 -7.15
CA TRP B 196 -3.96 14.34 -7.37
C TRP B 196 -3.75 13.65 -8.73
N TRP B 197 -3.78 12.32 -8.74
CA TRP B 197 -3.54 11.55 -9.96
C TRP B 197 -4.46 11.99 -11.11
N GLY B 198 -5.67 12.45 -10.79
CA GLY B 198 -6.66 12.77 -11.82
C GLY B 198 -6.59 14.17 -12.40
N LYS B 199 -5.58 14.94 -12.00
CA LYS B 199 -5.51 16.37 -12.32
C LYS B 199 -5.49 16.71 -13.81
N ASP B 200 -4.91 15.83 -14.63
CA ASP B 200 -4.84 16.10 -16.06
C ASP B 200 -6.11 15.65 -16.80
N ILE B 201 -6.69 14.54 -16.38
CA ILE B 201 -7.92 14.04 -17.00
C ILE B 201 -9.15 14.83 -16.54
N PHE B 202 -9.22 15.11 -15.25
CA PHE B 202 -10.42 15.73 -14.68
C PHE B 202 -10.25 17.19 -14.31
N GLY B 203 -8.99 17.65 -14.27
CA GLY B 203 -8.72 18.97 -13.73
C GLY B 203 -8.64 18.87 -12.22
N LEU B 204 -8.42 20.00 -11.56
CA LEU B 204 -8.47 20.02 -10.10
C LEU B 204 -9.80 20.61 -9.66
N PRO B 205 -10.32 20.15 -8.51
CA PRO B 205 -11.50 20.82 -7.97
C PRO B 205 -11.09 22.25 -7.60
N ARG B 206 -12.02 23.18 -7.73
CA ARG B 206 -11.68 24.58 -7.58
C ARG B 206 -11.33 25.01 -6.14
N PRO B 207 -12.05 24.49 -5.14
CA PRO B 207 -11.73 24.86 -3.75
C PRO B 207 -10.49 24.19 -3.18
N LYS B 208 -9.62 25.00 -2.57
CA LYS B 208 -8.45 24.47 -1.87
C LYS B 208 -8.84 23.82 -0.55
N TYR B 209 -9.86 24.37 0.12
CA TYR B 209 -10.32 23.79 1.38
C TYR B 209 -11.82 23.56 1.38
N LEU B 210 -12.23 22.46 2.01
CA LEU B 210 -13.62 22.20 2.36
C LEU B 210 -13.71 22.24 3.87
N ALA B 211 -14.55 23.13 4.41
CA ALA B 211 -14.63 23.28 5.86
C ALA B 211 -16.07 23.10 6.32
N HIS B 212 -16.26 22.30 7.35
CA HIS B 212 -17.59 22.09 7.91
C HIS B 212 -17.57 22.36 9.40
N VAL B 213 -18.06 23.53 9.80
CA VAL B 213 -18.27 23.83 11.20
C VAL B 213 -19.36 22.92 11.71
N ILE B 214 -19.16 22.34 12.89
CA ILE B 214 -20.13 21.41 13.45
C ILE B 214 -21.18 22.20 14.22
N TYR B 215 -22.31 22.43 13.57
CA TYR B 215 -23.45 23.09 14.19
C TYR B 215 -24.31 22.12 15.00
N LYS B 216 -24.86 22.62 16.10
CA LYS B 216 -25.65 21.80 17.01
C LYS B 216 -27.04 21.50 16.48
N ASP B 217 -27.62 22.45 15.75
CA ASP B 217 -29.00 22.31 15.29
C ASP B 217 -29.26 23.12 14.03
N ASN B 218 -30.43 22.90 13.42
CA ASN B 218 -30.81 23.63 12.23
C ASN B 218 -30.80 25.16 12.39
N PRO B 219 -31.40 25.68 13.47
CA PRO B 219 -31.41 27.14 13.59
C PRO B 219 -30.01 27.77 13.59
N SER B 220 -29.05 27.16 14.28
CA SER B 220 -27.70 27.74 14.31
C SER B 220 -27.02 27.67 12.95
N ALA B 221 -27.18 26.56 12.24
CA ALA B 221 -26.63 26.44 10.89
C ALA B 221 -27.31 27.44 9.96
N SER B 222 -28.61 27.65 10.13
CA SER B 222 -29.33 28.59 9.31
C SER B 222 -28.84 30.02 9.49
N LEU B 223 -28.48 30.39 10.71
CA LEU B 223 -28.04 31.75 10.96
C LEU B 223 -26.70 31.95 10.26
N ALA B 224 -25.86 30.92 10.34
CA ALA B 224 -24.55 31.00 9.70
C ALA B 224 -24.74 31.18 8.20
N PHE B 225 -25.68 30.43 7.64
CA PHE B 225 -25.99 30.51 6.21
C PHE B 225 -26.47 31.92 5.84
N GLU B 226 -27.35 32.49 6.66
CA GLU B 226 -27.86 33.82 6.38
C GLU B 226 -26.78 34.88 6.38
N ARG B 227 -25.77 34.74 7.24
CA ARG B 227 -24.73 35.78 7.29
C ARG B 227 -23.59 35.57 6.28
N GLY B 228 -23.66 34.49 5.51
CA GLY B 228 -22.70 34.25 4.44
C GLY B 228 -21.58 33.30 4.80
N ASP B 229 -21.70 32.61 5.92
CA ASP B 229 -20.64 31.76 6.42
C ASP B 229 -20.74 30.31 5.95
N ILE B 230 -21.74 30.00 5.11
CA ILE B 230 -21.87 28.67 4.51
C ILE B 230 -22.10 28.82 3.01
N ASP B 231 -21.22 28.23 2.21
CA ASP B 231 -21.37 28.33 0.76
C ASP B 231 -22.22 27.22 0.17
N TRP B 232 -22.10 26.04 0.77
CA TRP B 232 -22.66 24.80 0.23
C TRP B 232 -23.43 24.11 1.35
N ASN B 233 -24.75 24.15 1.27
CA ASN B 233 -25.62 23.74 2.37
C ASN B 233 -26.51 22.57 2.01
N GLY B 234 -26.68 21.64 2.96
CA GLY B 234 -27.59 20.51 2.77
C GLY B 234 -28.58 20.43 3.91
N LEU B 235 -29.20 21.58 4.20
CA LEU B 235 -30.00 21.75 5.41
C LEU B 235 -31.49 21.83 5.11
N PHE B 236 -32.29 21.35 6.05
CA PHE B 236 -33.68 21.77 6.10
C PHE B 236 -33.74 23.22 6.54
N ILE B 237 -34.47 24.04 5.77
CA ILE B 237 -34.65 25.45 6.08
C ILE B 237 -36.10 25.81 5.92
N PRO B 238 -36.73 26.32 6.99
CA PRO B 238 -38.13 26.73 6.92
C PRO B 238 -38.29 27.92 5.98
N SER B 239 -39.35 27.93 5.17
CA SER B 239 -39.64 29.07 4.29
C SER B 239 -38.40 29.53 3.54
N VAL B 240 -37.70 28.59 2.93
CA VAL B 240 -36.40 28.87 2.32
C VAL B 240 -36.43 30.00 1.28
N TRP B 241 -37.54 30.13 0.55
CA TRP B 241 -37.68 31.15 -0.47
C TRP B 241 -37.53 32.57 0.09
N GLU B 242 -37.81 32.75 1.38
CA GLU B 242 -37.71 34.09 1.97
C GLU B 242 -36.28 34.60 1.98
N LEU B 243 -35.33 33.68 1.99
CA LEU B 243 -33.92 34.05 2.01
C LEU B 243 -33.56 34.96 0.84
N TRP B 244 -34.07 34.66 -0.34
CA TRP B 244 -33.76 35.49 -1.50
C TRP B 244 -34.89 36.45 -1.89
N GLU B 245 -36.12 36.12 -1.49
CA GLU B 245 -37.27 36.95 -1.84
C GLU B 245 -37.45 38.14 -0.90
N LYS B 246 -37.37 37.88 0.40
N LYS B 246 -37.33 37.87 0.40
CA LYS B 246 -37.60 38.92 1.40
CA LYS B 246 -37.61 38.87 1.42
C LYS B 246 -36.30 39.50 1.95
C LYS B 246 -36.32 39.48 1.97
N LYS B 247 -35.35 38.63 2.28
CA LYS B 247 -34.10 39.06 2.90
C LYS B 247 -33.05 39.49 1.88
N GLY B 248 -33.34 39.29 0.60
CA GLY B 248 -32.46 39.71 -0.47
C GLY B 248 -31.05 39.14 -0.38
N LEU B 249 -30.94 37.90 0.06
CA LEU B 249 -29.63 37.25 0.18
C LEU B 249 -29.19 36.59 -1.14
N PRO B 250 -27.87 36.55 -1.37
CA PRO B 250 -27.35 35.92 -2.58
C PRO B 250 -27.31 34.40 -2.43
N VAL B 251 -28.48 33.82 -2.24
CA VAL B 251 -28.59 32.37 -2.05
C VAL B 251 -29.63 31.79 -2.98
N GLY B 252 -29.55 30.48 -3.22
CA GLY B 252 -30.42 29.84 -4.18
C GLY B 252 -30.56 28.35 -3.92
N THR B 253 -31.46 27.73 -4.67
CA THR B 253 -31.77 26.31 -4.56
C THR B 253 -31.84 25.74 -5.97
N TRP B 254 -32.09 24.44 -6.09
CA TRP B 254 -32.21 23.84 -7.42
C TRP B 254 -33.38 24.45 -8.19
N TYR B 255 -34.56 24.43 -7.57
CA TYR B 255 -35.75 25.04 -8.13
C TYR B 255 -36.00 26.40 -7.49
N LYS B 256 -36.28 27.41 -8.30
CA LYS B 256 -36.60 28.74 -7.78
C LYS B 256 -38.02 28.77 -7.21
N LYS B 257 -38.88 27.90 -7.73
CA LYS B 257 -40.23 27.80 -7.22
C LYS B 257 -40.45 26.46 -6.52
N GLU B 258 -41.60 26.33 -5.88
CA GLU B 258 -42.04 25.07 -5.27
C GLU B 258 -41.79 23.90 -6.22
N PRO B 259 -41.25 22.77 -5.69
CA PRO B 259 -40.95 22.46 -4.30
C PRO B 259 -39.53 22.81 -3.83
N TYR B 260 -38.78 23.57 -4.63
CA TYR B 260 -37.44 24.06 -4.27
C TYR B 260 -36.32 23.02 -4.29
N PHE B 261 -36.69 21.77 -4.02
CA PHE B 261 -35.71 20.68 -3.92
C PHE B 261 -36.08 19.53 -4.85
N ILE B 262 -35.07 18.93 -5.47
CA ILE B 262 -35.27 17.66 -6.17
C ILE B 262 -35.31 16.55 -5.11
N PRO B 263 -35.90 15.39 -5.47
CA PRO B 263 -36.02 14.32 -4.47
C PRO B 263 -34.71 13.56 -4.25
N ASP B 264 -34.47 13.12 -3.01
CA ASP B 264 -33.30 12.31 -2.72
C ASP B 264 -33.62 10.82 -2.70
N GLY B 265 -34.72 10.46 -2.06
CA GLY B 265 -35.08 9.05 -1.91
C GLY B 265 -36.36 8.89 -1.10
N VAL B 266 -36.42 7.83 -0.31
CA VAL B 266 -37.61 7.57 0.48
C VAL B 266 -37.30 7.62 1.97
N GLY B 267 -38.05 8.46 2.68
CA GLY B 267 -37.97 8.51 4.12
C GLY B 267 -38.96 7.53 4.71
N PHE B 268 -38.49 6.70 5.63
CA PHE B 268 -39.32 5.67 6.24
C PHE B 268 -39.54 5.96 7.71
N VAL B 269 -40.68 5.52 8.21
CA VAL B 269 -40.77 5.27 9.64
C VAL B 269 -40.35 3.81 9.81
N TYR B 270 -39.12 3.60 10.28
CA TYR B 270 -38.65 2.25 10.51
C TYR B 270 -39.16 1.76 11.85
N VAL B 271 -39.64 0.52 11.87
CA VAL B 271 -40.20 -0.10 13.06
C VAL B 271 -39.43 -1.39 13.31
N ASN B 272 -38.75 -1.44 14.45
CA ASN B 272 -37.87 -2.57 14.77
C ASN B 272 -38.67 -3.87 14.93
N ASN B 273 -38.45 -4.81 14.01
CA ASN B 273 -39.25 -6.04 13.97
C ASN B 273 -38.88 -6.97 15.13
N THR B 274 -37.79 -6.70 15.83
CA THR B 274 -37.36 -7.59 16.91
C THR B 274 -37.94 -7.22 18.28
N LYS B 275 -38.55 -6.04 18.35
CA LYS B 275 -39.14 -5.58 19.62
C LYS B 275 -40.51 -6.21 19.86
N PRO B 276 -40.81 -6.54 21.12
CA PRO B 276 -42.13 -7.10 21.43
C PRO B 276 -43.21 -6.09 21.06
N GLY B 277 -44.30 -6.57 20.47
CA GLY B 277 -45.38 -5.71 20.01
C GLY B 277 -45.11 -5.26 18.59
N LEU B 278 -43.99 -4.58 18.40
CA LEU B 278 -43.57 -4.08 17.09
C LEU B 278 -43.29 -5.24 16.13
N SER B 279 -43.12 -6.43 16.67
CA SER B 279 -42.86 -7.62 15.86
C SER B 279 -44.12 -8.12 15.16
N ASP B 280 -45.28 -7.63 15.60
CA ASP B 280 -46.56 -8.03 15.00
C ASP B 280 -46.91 -7.19 13.79
N PRO B 281 -47.08 -7.82 12.62
CA PRO B 281 -47.47 -7.09 11.40
C PRO B 281 -48.72 -6.21 11.58
N ALA B 282 -49.67 -6.67 12.39
CA ALA B 282 -50.87 -5.91 12.63
C ALA B 282 -50.56 -4.57 13.28
N VAL B 283 -49.62 -4.59 14.24
CA VAL B 283 -49.23 -3.37 14.93
C VAL B 283 -48.54 -2.40 13.96
N ARG B 284 -47.71 -2.94 13.08
CA ARG B 284 -47.01 -2.11 12.11
C ARG B 284 -47.98 -1.53 11.09
N LYS B 285 -48.97 -2.30 10.69
CA LYS B 285 -50.01 -1.78 9.80
C LYS B 285 -50.80 -0.67 10.48
N ALA B 286 -51.13 -0.85 11.76
CA ALA B 286 -51.87 0.19 12.47
C ALA B 286 -51.07 1.49 12.50
N ILE B 287 -49.75 1.37 12.71
CA ILE B 287 -48.90 2.56 12.73
C ILE B 287 -48.96 3.31 11.41
N ALA B 288 -48.96 2.57 10.31
CA ALA B 288 -48.99 3.16 8.98
C ALA B 288 -50.24 4.02 8.76
N TYR B 289 -51.37 3.59 9.32
CA TYR B 289 -52.62 4.33 9.18
C TYR B 289 -52.71 5.52 10.14
N ALA B 290 -51.82 5.56 11.13
CA ALA B 290 -51.87 6.61 12.15
C ALA B 290 -50.89 7.76 11.90
N ILE B 291 -50.09 7.66 10.85
CA ILE B 291 -49.20 8.76 10.47
C ILE B 291 -49.98 9.85 9.75
N PRO B 292 -49.92 11.10 10.27
CA PRO B 292 -50.68 12.18 9.64
C PRO B 292 -49.90 12.74 8.44
N TYR B 293 -49.89 11.97 7.34
CA TYR B 293 -49.01 12.27 6.21
C TYR B 293 -49.13 13.70 5.70
N ASN B 294 -50.33 14.08 5.27
CA ASN B 294 -50.54 15.40 4.65
C ASN B 294 -50.23 16.55 5.59
N GLU B 295 -50.78 16.48 6.81
CA GLU B 295 -50.59 17.57 7.75
C GLU B 295 -49.12 17.72 8.15
N MET B 296 -48.43 16.60 8.42
CA MET B 296 -47.03 16.73 8.82
C MET B 296 -46.15 17.21 7.66
N LEU B 297 -46.47 16.81 6.44
CA LEU B 297 -45.63 17.22 5.31
C LEU B 297 -45.86 18.69 4.97
N LYS B 298 -47.07 19.17 5.21
CA LYS B 298 -47.37 20.58 5.02
C LYS B 298 -46.76 21.44 6.11
N LYS B 299 -47.01 21.10 7.38
CA LYS B 299 -46.57 21.93 8.50
C LYS B 299 -45.12 21.73 8.89
N ALA B 300 -44.70 20.47 9.02
CA ALA B 300 -43.34 20.19 9.46
C ALA B 300 -42.34 20.24 8.31
N TYR B 301 -42.79 19.84 7.12
CA TYR B 301 -41.88 19.65 5.99
C TYR B 301 -42.05 20.73 4.92
N PHE B 302 -42.93 21.69 5.18
CA PHE B 302 -43.09 22.88 4.32
C PHE B 302 -43.38 22.53 2.85
N GLY B 303 -43.97 21.38 2.62
CA GLY B 303 -44.24 20.93 1.25
C GLY B 303 -43.01 20.60 0.43
N TYR B 304 -41.86 20.41 1.08
CA TYR B 304 -40.62 20.15 0.37
C TYR B 304 -40.55 18.73 -0.21
N GLY B 305 -41.51 17.90 0.17
CA GLY B 305 -41.63 16.55 -0.35
C GLY B 305 -43.04 16.03 -0.11
N SER B 306 -43.45 15.04 -0.87
CA SER B 306 -44.80 14.50 -0.77
C SER B 306 -44.84 13.09 -0.19
N GLN B 307 -46.03 12.55 0.03
CA GLN B 307 -46.17 11.23 0.63
C GLN B 307 -45.67 10.13 -0.30
N ALA B 308 -44.92 9.20 0.26
CA ALA B 308 -44.41 8.07 -0.50
C ALA B 308 -45.51 7.06 -0.82
N HIS B 309 -45.39 6.41 -1.96
CA HIS B 309 -46.27 5.30 -2.28
C HIS B 309 -45.84 4.08 -1.47
N PRO B 310 -46.80 3.32 -0.95
CA PRO B 310 -46.45 2.20 -0.06
C PRO B 310 -45.67 1.08 -0.76
N SER B 311 -45.69 1.06 -2.09
CA SER B 311 -44.90 0.08 -2.86
C SER B 311 -43.39 0.32 -2.73
N MET B 312 -43.01 1.46 -2.18
CA MET B 312 -41.60 1.89 -2.09
C MET B 312 -41.04 2.39 -3.42
N VAL B 313 -41.85 2.32 -4.47
CA VAL B 313 -41.42 2.84 -5.76
C VAL B 313 -41.60 4.35 -5.80
N ILE B 314 -40.60 5.08 -6.30
CA ILE B 314 -40.67 6.54 -6.37
C ILE B 314 -41.47 6.99 -7.60
N ASP B 315 -42.76 7.20 -7.42
CA ASP B 315 -43.65 7.49 -8.55
C ASP B 315 -43.60 8.95 -9.00
N LEU B 316 -42.61 9.68 -8.51
CA LEU B 316 -42.35 11.03 -8.98
C LEU B 316 -41.78 11.01 -10.40
N PHE B 317 -41.30 9.85 -10.81
CA PHE B 317 -40.74 9.67 -12.15
C PHE B 317 -41.59 8.68 -12.95
N GLU B 318 -42.07 9.15 -14.10
CA GLU B 318 -43.00 8.38 -14.91
C GLU B 318 -42.52 6.96 -15.26
N PRO B 319 -41.25 6.81 -15.67
CA PRO B 319 -40.75 5.49 -16.06
C PRO B 319 -40.80 4.44 -14.94
N TYR B 320 -40.95 4.87 -13.69
CA TYR B 320 -40.99 3.92 -12.58
C TYR B 320 -42.39 3.36 -12.31
N LYS B 321 -43.41 4.07 -12.79
CA LYS B 321 -44.79 3.71 -12.48
C LYS B 321 -45.17 2.32 -12.99
N GLN B 322 -44.52 1.88 -14.07
CA GLN B 322 -44.78 0.56 -14.63
C GLN B 322 -44.44 -0.55 -13.63
N TYR B 323 -43.70 -0.20 -12.60
CA TYR B 323 -43.26 -1.18 -11.61
C TYR B 323 -44.17 -1.22 -10.38
N ILE B 324 -45.22 -0.40 -10.39
CA ILE B 324 -46.18 -0.37 -9.30
C ILE B 324 -47.47 -1.10 -9.67
N ASP B 325 -47.89 -2.03 -8.84
CA ASP B 325 -49.18 -2.66 -9.02
C ASP B 325 -50.26 -1.77 -8.41
N TYR B 326 -50.74 -0.82 -9.20
CA TYR B 326 -51.68 0.19 -8.70
C TYR B 326 -53.01 -0.41 -8.27
N GLU B 327 -53.46 -1.44 -8.98
CA GLU B 327 -54.74 -2.08 -8.64
C GLU B 327 -54.66 -2.73 -7.26
N LEU B 328 -53.52 -3.35 -6.97
CA LEU B 328 -53.30 -3.96 -5.66
C LEU B 328 -53.32 -2.89 -4.56
N ALA B 329 -52.60 -1.80 -4.78
CA ALA B 329 -52.50 -0.74 -3.78
C ALA B 329 -53.85 -0.08 -3.56
N LYS B 330 -54.56 0.21 -4.65
CA LYS B 330 -55.88 0.82 -4.57
C LYS B 330 -56.86 -0.07 -3.82
N LYS B 331 -56.85 -1.35 -4.15
CA LYS B 331 -57.72 -2.33 -3.49
C LYS B 331 -57.41 -2.42 -2.00
N THR B 332 -56.12 -2.43 -1.67
CA THR B 332 -55.68 -2.62 -0.30
C THR B 332 -55.95 -1.42 0.59
N PHE B 333 -55.69 -0.22 0.07
CA PHE B 333 -55.73 0.98 0.90
C PHE B 333 -56.92 1.91 0.62
N GLY B 334 -57.65 1.62 -0.44
CA GLY B 334 -58.91 2.29 -0.72
C GLY B 334 -58.79 3.73 -1.15
N THR B 335 -57.62 4.11 -1.64
CA THR B 335 -57.40 5.48 -2.10
C THR B 335 -57.24 5.48 -3.62
N GLU B 336 -57.22 6.68 -4.20
CA GLU B 336 -57.21 6.83 -5.64
C GLU B 336 -55.94 6.25 -6.27
N ASP B 337 -54.80 6.44 -5.62
CA ASP B 337 -53.54 5.95 -6.16
C ASP B 337 -52.91 4.83 -5.33
N GLY B 338 -53.57 4.48 -4.24
CA GLY B 338 -53.10 3.39 -3.41
C GLY B 338 -52.18 3.82 -2.28
N ARG B 339 -52.07 5.13 -2.05
CA ARG B 339 -51.36 5.63 -0.88
C ARG B 339 -52.13 5.35 0.40
N ILE B 340 -51.39 5.10 1.48
CA ILE B 340 -52.04 4.82 2.76
C ILE B 340 -52.68 6.07 3.34
N PRO B 341 -53.98 6.01 3.62
CA PRO B 341 -54.64 7.18 4.19
C PRO B 341 -54.35 7.33 5.67
N PHE B 342 -54.33 8.57 6.14
CA PHE B 342 -54.36 8.84 7.57
C PHE B 342 -55.77 8.54 8.05
N ASP B 343 -55.91 7.51 8.85
CA ASP B 343 -57.23 7.01 9.24
C ASP B 343 -57.15 6.33 10.59
N LEU B 344 -57.38 7.09 11.66
CA LEU B 344 -57.30 6.55 13.01
C LEU B 344 -58.38 5.50 13.28
N ASP B 345 -59.56 5.67 12.69
CA ASP B 345 -60.60 4.65 12.81
C ASP B 345 -60.05 3.30 12.34
N MET B 346 -59.37 3.29 11.20
CA MET B 346 -58.79 2.06 10.67
C MET B 346 -57.66 1.52 11.55
N ALA B 347 -56.79 2.41 12.02
CA ALA B 347 -55.69 1.98 12.89
C ALA B 347 -56.24 1.32 14.15
N ASN B 348 -57.29 1.90 14.73
CA ASN B 348 -57.92 1.33 15.90
C ASN B 348 -58.57 -0.02 15.60
N LYS B 349 -59.24 -0.10 14.45
CA LYS B 349 -59.89 -1.34 14.03
C LYS B 349 -58.88 -2.47 13.87
N ILE B 350 -57.76 -2.18 13.21
CA ILE B 350 -56.72 -3.18 13.01
C ILE B 350 -56.21 -3.73 14.33
N LEU B 351 -56.02 -2.85 15.30
CA LEU B 351 -55.54 -3.27 16.60
C LEU B 351 -56.60 -4.08 17.35
N ASP B 352 -57.85 -3.66 17.24
CA ASP B 352 -58.96 -4.37 17.86
C ASP B 352 -59.05 -5.79 17.33
N GLU B 353 -58.99 -5.93 16.01
CA GLU B 353 -59.15 -7.23 15.37
C GLU B 353 -57.96 -8.16 15.62
N ALA B 354 -56.80 -7.58 15.93
CA ALA B 354 -55.62 -8.37 16.26
C ALA B 354 -55.59 -8.70 17.75
N GLY B 355 -56.67 -8.33 18.45
CA GLY B 355 -56.82 -8.67 19.85
C GLY B 355 -56.05 -7.82 20.85
N TYR B 356 -55.76 -6.57 20.48
CA TYR B 356 -55.13 -5.63 21.40
C TYR B 356 -56.20 -4.79 22.10
N LYS B 357 -56.21 -4.86 23.42
CA LYS B 357 -57.24 -4.19 24.21
C LYS B 357 -56.63 -3.16 25.15
N LYS B 358 -57.16 -1.95 25.13
CA LYS B 358 -56.65 -0.88 25.99
C LYS B 358 -56.79 -1.23 27.47
N GLY B 359 -55.71 -1.03 28.20
CA GLY B 359 -55.72 -1.21 29.64
C GLY B 359 -56.21 0.05 30.33
N PRO B 360 -56.14 0.07 31.67
CA PRO B 360 -56.60 1.20 32.48
C PRO B 360 -55.88 2.50 32.10
N ASP B 361 -54.61 2.38 31.71
CA ASP B 361 -53.82 3.57 31.36
C ASP B 361 -53.97 3.94 29.89
N GLY B 362 -54.89 3.27 29.20
CA GLY B 362 -55.17 3.58 27.80
C GLY B 362 -54.17 2.97 26.83
N VAL B 363 -53.19 2.24 27.35
CA VAL B 363 -52.20 1.59 26.50
C VAL B 363 -52.66 0.17 26.18
N ARG B 364 -52.55 -0.23 24.91
CA ARG B 364 -53.03 -1.54 24.49
C ARG B 364 -52.19 -2.71 24.97
N VAL B 365 -52.86 -3.81 25.28
CA VAL B 365 -52.20 -5.06 25.66
C VAL B 365 -52.72 -6.18 24.78
N GLY B 366 -51.80 -6.99 24.26
CA GLY B 366 -52.14 -8.07 23.36
C GLY B 366 -52.60 -9.31 24.10
N PRO B 367 -52.98 -10.36 23.35
CA PRO B 367 -53.47 -11.62 23.92
C PRO B 367 -52.42 -12.36 24.74
N ASP B 368 -51.14 -12.27 24.37
CA ASP B 368 -50.08 -12.92 25.13
C ASP B 368 -49.60 -12.06 26.28
N GLY B 369 -50.25 -10.91 26.47
CA GLY B 369 -49.92 -10.02 27.58
C GLY B 369 -48.91 -8.94 27.23
N THR B 370 -48.51 -8.88 25.97
CA THR B 370 -47.54 -7.87 25.54
C THR B 370 -48.19 -6.49 25.50
N LYS B 371 -47.61 -5.56 26.23
CA LYS B 371 -48.08 -4.17 26.23
C LYS B 371 -47.43 -3.44 25.06
N LEU B 372 -48.20 -2.59 24.38
CA LEU B 372 -47.64 -1.81 23.28
C LEU B 372 -46.99 -0.54 23.78
N GLY B 373 -45.88 -0.71 24.49
CA GLY B 373 -45.13 0.41 25.03
C GLY B 373 -44.50 0.04 26.36
N PRO B 374 -43.63 0.91 26.87
CA PRO B 374 -43.27 2.18 26.24
C PRO B 374 -42.26 2.02 25.10
N TYR B 375 -42.38 2.88 24.10
CA TYR B 375 -41.48 2.92 22.96
C TYR B 375 -41.01 4.34 22.77
N THR B 376 -39.89 4.50 22.07
CA THR B 376 -39.47 5.82 21.61
C THR B 376 -39.56 5.91 20.10
N ILE B 377 -39.79 7.11 19.61
CA ILE B 377 -39.51 7.41 18.20
C ILE B 377 -38.39 8.44 18.18
N SER B 378 -37.35 8.16 17.40
CA SER B 378 -36.12 8.90 17.54
C SER B 378 -35.52 9.37 16.21
N VAL B 379 -35.04 10.61 16.21
CA VAL B 379 -34.23 11.17 15.13
C VAL B 379 -33.11 12.00 15.78
N PRO B 380 -32.09 12.39 15.00
CA PRO B 380 -31.01 13.17 15.60
C PRO B 380 -31.46 14.53 16.14
N TYR B 381 -30.89 14.89 17.29
CA TYR B 381 -31.06 16.21 17.84
C TYR B 381 -30.70 17.27 16.80
N GLY B 382 -31.52 18.31 16.73
CA GLY B 382 -31.26 19.41 15.83
C GLY B 382 -31.90 19.28 14.46
N TRP B 383 -32.38 18.08 14.13
CA TRP B 383 -33.04 17.87 12.84
C TRP B 383 -34.49 18.25 12.98
N THR B 384 -34.75 19.56 13.02
CA THR B 384 -36.00 20.08 13.54
C THR B 384 -37.27 19.68 12.78
N ASP B 385 -37.17 19.52 11.47
CA ASP B 385 -38.31 19.04 10.68
C ASP B 385 -38.72 17.62 11.07
N TRP B 386 -37.74 16.72 11.12
CA TRP B 386 -38.00 15.35 11.52
C TRP B 386 -38.44 15.27 12.97
N MET B 387 -37.89 16.14 13.82
CA MET B 387 -38.29 16.19 15.22
C MET B 387 -39.78 16.51 15.31
N MET B 388 -40.22 17.52 14.56
CA MET B 388 -41.62 17.89 14.58
C MET B 388 -42.52 16.75 14.07
N MET B 389 -42.10 16.09 12.99
CA MET B 389 -42.84 14.94 12.48
C MET B 389 -42.96 13.86 13.53
N CYS B 390 -41.87 13.62 14.26
CA CYS B 390 -41.88 12.62 15.32
C CYS B 390 -42.93 12.95 16.38
N GLU B 391 -43.02 14.22 16.74
CA GLU B 391 -43.99 14.63 17.76
C GLU B 391 -45.42 14.38 17.28
N MET B 392 -45.68 14.68 16.01
CA MET B 392 -47.01 14.49 15.45
C MET B 392 -47.37 13.01 15.35
N ILE B 393 -46.43 12.20 14.90
CA ILE B 393 -46.62 10.76 14.83
C ILE B 393 -46.83 10.18 16.22
N ALA B 394 -45.98 10.54 17.17
CA ALA B 394 -46.06 9.99 18.52
C ALA B 394 -47.40 10.28 19.19
N LYS B 395 -47.90 11.50 19.00
CA LYS B 395 -49.19 11.88 19.60
C LYS B 395 -50.31 11.02 19.06
N ASN B 396 -50.34 10.81 17.74
CA ASN B 396 -51.35 9.96 17.13
C ASN B 396 -51.25 8.49 17.55
N LEU B 397 -50.02 7.98 17.69
CA LEU B 397 -49.83 6.61 18.16
C LEU B 397 -50.34 6.47 19.60
N ARG B 398 -50.01 7.44 20.45
CA ARG B 398 -50.52 7.43 21.81
C ARG B 398 -52.06 7.39 21.83
N SER B 399 -52.68 8.14 20.93
N SER B 399 -52.68 8.11 20.90
CA SER B 399 -54.13 8.18 20.86
CA SER B 399 -54.14 8.19 20.87
C SER B 399 -54.70 6.77 20.69
C SER B 399 -54.81 6.85 20.52
N ILE B 400 -54.08 5.98 19.82
CA ILE B 400 -54.60 4.64 19.53
C ILE B 400 -54.11 3.59 20.50
N GLY B 401 -53.39 4.01 21.54
CA GLY B 401 -52.99 3.09 22.59
C GLY B 401 -51.61 2.46 22.42
N ILE B 402 -50.77 3.07 21.59
CA ILE B 402 -49.38 2.67 21.49
C ILE B 402 -48.54 3.76 22.15
N ASP B 403 -47.91 3.41 23.27
CA ASP B 403 -47.22 4.40 24.10
C ASP B 403 -45.86 4.79 23.54
N VAL B 404 -45.85 5.83 22.70
CA VAL B 404 -44.62 6.27 22.05
C VAL B 404 -44.31 7.70 22.49
N LYS B 405 -43.08 7.93 22.90
N LYS B 405 -43.06 7.92 22.88
CA LYS B 405 -42.61 9.27 23.19
CA LYS B 405 -42.57 9.25 23.24
C LYS B 405 -41.42 9.56 22.28
C LYS B 405 -41.33 9.56 22.40
N THR B 406 -41.15 10.83 22.05
CA THR B 406 -40.01 11.21 21.23
C THR B 406 -38.72 11.22 22.03
N GLU B 407 -37.60 10.98 21.35
CA GLU B 407 -36.29 11.05 21.94
C GLU B 407 -35.32 11.48 20.85
N PHE B 408 -34.50 12.49 21.15
CA PHE B 408 -33.61 13.09 20.14
C PHE B 408 -32.17 13.16 20.63
N PRO B 409 -31.44 12.02 20.53
CA PRO B 409 -30.03 11.95 20.94
C PRO B 409 -29.12 12.56 19.89
N ASP B 410 -27.87 12.83 20.25
CA ASP B 410 -26.88 13.30 19.29
C ASP B 410 -26.83 12.34 18.10
N PHE B 411 -26.53 12.88 16.93
CA PHE B 411 -26.45 12.07 15.71
C PHE B 411 -25.69 10.75 15.91
N SER B 412 -24.50 10.83 16.49
CA SER B 412 -23.66 9.64 16.63
C SER B 412 -24.36 8.54 17.42
N VAL B 413 -25.08 8.92 18.48
CA VAL B 413 -25.82 7.98 19.31
C VAL B 413 -27.02 7.41 18.56
N TRP B 414 -27.73 8.29 17.85
CA TRP B 414 -28.86 7.88 17.03
C TRP B 414 -28.43 6.84 15.99
N ALA B 415 -27.35 7.13 15.30
CA ALA B 415 -26.84 6.24 14.26
C ALA B 415 -26.41 4.90 14.84
N ASP B 416 -25.82 4.93 16.03
CA ASP B 416 -25.45 3.70 16.71
C ASP B 416 -26.68 2.82 16.96
N ARG B 417 -27.73 3.43 17.49
CA ARG B 417 -28.93 2.67 17.82
C ARG B 417 -29.65 2.17 16.57
N MET B 418 -29.63 2.97 15.52
CA MET B 418 -30.21 2.57 14.24
C MET B 418 -29.47 1.38 13.63
N THR B 419 -28.16 1.54 13.44
CA THR B 419 -27.37 0.51 12.77
C THR B 419 -27.32 -0.79 13.56
N LYS B 420 -27.33 -0.70 14.89
CA LYS B 420 -27.29 -1.89 15.74
C LYS B 420 -28.67 -2.48 16.04
N GLY B 421 -29.73 -1.82 15.57
CA GLY B 421 -31.07 -2.38 15.73
C GLY B 421 -31.55 -2.40 17.17
N THR B 422 -31.20 -1.37 17.93
CA THR B 422 -31.67 -1.28 19.31
C THR B 422 -32.77 -0.23 19.46
N PHE B 423 -33.12 0.45 18.38
CA PHE B 423 -34.20 1.44 18.37
C PHE B 423 -35.59 0.80 18.42
N ASP B 424 -36.63 1.61 18.67
CA ASP B 424 -38.01 1.13 18.54
C ASP B 424 -38.58 1.62 17.23
N LEU B 425 -38.81 2.93 17.15
CA LEU B 425 -39.20 3.59 15.92
C LEU B 425 -38.19 4.68 15.61
N ILE B 426 -37.90 4.88 14.33
CA ILE B 426 -37.11 6.02 13.90
C ILE B 426 -37.66 6.52 12.59
N ILE B 427 -37.31 7.76 12.23
CA ILE B 427 -37.39 8.16 10.85
C ILE B 427 -35.97 8.08 10.30
N SER B 428 -35.81 7.48 9.13
CA SER B 428 -34.49 7.49 8.49
C SER B 428 -34.64 7.41 6.97
N TRP B 429 -33.50 7.48 6.28
CA TRP B 429 -33.47 7.41 4.83
C TRP B 429 -33.44 5.97 4.32
N SER B 430 -33.34 5.81 3.01
CA SER B 430 -33.20 4.48 2.41
C SER B 430 -32.32 4.59 1.17
N VAL B 431 -32.93 4.56 -0.01
CA VAL B 431 -32.20 4.77 -1.26
C VAL B 431 -33.07 5.62 -2.18
N GLY B 432 -32.57 5.94 -3.37
CA GLY B 432 -33.28 6.85 -4.25
C GLY B 432 -33.40 6.36 -5.67
N PRO B 433 -33.70 7.28 -6.59
CA PRO B 433 -33.80 6.95 -8.02
C PRO B 433 -32.46 6.41 -8.50
N SER B 434 -32.51 5.42 -9.37
CA SER B 434 -31.28 4.79 -9.87
C SER B 434 -31.60 3.85 -11.00
N PHE B 435 -30.57 3.42 -11.73
CA PHE B 435 -30.77 2.57 -12.89
C PHE B 435 -31.46 1.27 -12.49
N ASP B 436 -31.30 0.88 -11.23
CA ASP B 436 -31.87 -0.38 -10.75
C ASP B 436 -33.07 -0.19 -9.81
N HIS B 437 -33.68 1.00 -9.82
CA HIS B 437 -34.89 1.22 -9.02
C HIS B 437 -36.10 0.54 -9.67
N PRO B 438 -36.95 -0.12 -8.87
CA PRO B 438 -36.93 -0.22 -7.41
C PRO B 438 -36.25 -1.45 -6.80
N PHE B 439 -35.54 -2.27 -7.60
CA PHE B 439 -34.77 -3.35 -6.99
C PHE B 439 -33.93 -2.80 -5.85
N ASN B 440 -33.31 -1.64 -6.06
CA ASN B 440 -32.41 -1.09 -5.05
C ASN B 440 -33.07 -0.89 -3.69
N ILE B 441 -34.32 -0.43 -3.67
CA ILE B 441 -34.98 -0.15 -2.40
C ILE B 441 -35.49 -1.43 -1.73
N TYR B 442 -35.95 -2.40 -2.52
CA TYR B 442 -36.30 -3.70 -1.93
C TYR B 442 -35.07 -4.37 -1.33
N ARG B 443 -33.95 -4.29 -2.04
CA ARG B 443 -32.70 -4.85 -1.55
C ARG B 443 -32.29 -4.18 -0.24
N PHE B 444 -32.30 -2.85 -0.21
CA PHE B 444 -31.85 -2.13 0.97
C PHE B 444 -32.76 -2.29 2.20
N VAL B 445 -34.07 -2.27 1.99
CA VAL B 445 -34.99 -2.27 3.11
C VAL B 445 -35.38 -3.67 3.58
N LEU B 446 -35.50 -4.61 2.64
CA LEU B 446 -36.19 -5.87 2.95
C LEU B 446 -35.31 -7.12 3.06
N ASP B 447 -34.05 -7.00 2.66
CA ASP B 447 -33.20 -8.18 2.49
C ASP B 447 -32.41 -8.54 3.76
N LYS B 448 -32.85 -9.62 4.43
CA LYS B 448 -32.19 -10.11 5.63
C LYS B 448 -30.69 -10.33 5.48
N ARG B 449 -30.24 -10.58 4.26
CA ARG B 449 -28.82 -10.83 4.00
C ARG B 449 -27.94 -9.61 4.26
N LEU B 450 -28.53 -8.42 4.18
CA LEU B 450 -27.79 -7.19 4.41
C LEU B 450 -27.88 -6.75 5.87
N SER B 451 -28.77 -7.38 6.63
CA SER B 451 -28.92 -7.05 8.03
C SER B 451 -27.82 -7.71 8.87
N LYS B 452 -27.80 -7.41 10.15
CA LYS B 452 -26.88 -8.04 11.10
C LYS B 452 -27.66 -8.26 12.40
N PRO B 453 -27.16 -9.15 13.28
CA PRO B 453 -27.86 -9.35 14.55
C PRO B 453 -28.03 -8.03 15.31
N VAL B 454 -29.06 -7.97 16.16
CA VAL B 454 -29.18 -6.84 17.07
C VAL B 454 -27.89 -6.73 17.87
N GLY B 455 -27.36 -5.51 17.96
CA GLY B 455 -26.11 -5.26 18.65
C GLY B 455 -24.91 -5.16 17.72
N GLU B 456 -25.10 -5.57 16.47
CA GLU B 456 -24.04 -5.48 15.49
C GLU B 456 -24.37 -4.42 14.44
N VAL B 457 -23.37 -3.66 14.02
CA VAL B 457 -23.61 -2.55 13.10
C VAL B 457 -23.87 -3.03 11.67
N THR B 458 -24.96 -2.55 11.08
CA THR B 458 -25.11 -2.63 9.64
C THR B 458 -25.50 -1.28 9.04
N TRP B 459 -24.73 -0.86 8.04
CA TRP B 459 -25.08 0.27 7.22
C TRP B 459 -25.60 -0.23 5.88
N ALA B 460 -25.52 -1.54 5.65
CA ALA B 460 -25.79 -2.11 4.33
C ALA B 460 -27.28 -2.23 4.03
N GLY B 461 -28.10 -2.35 5.07
CA GLY B 461 -29.53 -2.41 4.87
C GLY B 461 -30.29 -3.12 5.96
N ASP B 462 -31.61 -3.11 5.84
CA ASP B 462 -32.53 -3.80 6.74
C ASP B 462 -32.25 -3.47 8.21
N TRP B 463 -32.20 -2.18 8.54
CA TRP B 463 -32.00 -1.76 9.92
C TRP B 463 -33.07 -2.30 10.85
N GLU B 464 -34.26 -2.53 10.32
CA GLU B 464 -35.41 -2.96 11.12
C GLU B 464 -35.40 -4.47 11.41
N ARG B 465 -34.40 -5.17 10.88
CA ARG B 465 -34.26 -6.61 11.09
C ARG B 465 -35.52 -7.38 10.69
N TYR B 466 -36.11 -6.98 9.57
CA TYR B 466 -37.12 -7.77 8.89
C TYR B 466 -36.50 -9.04 8.31
N ASP B 467 -37.20 -10.17 8.47
CA ASP B 467 -36.68 -11.47 8.09
C ASP B 467 -37.74 -12.22 7.29
N ASN B 468 -37.53 -12.32 5.98
CA ASN B 468 -38.44 -13.05 5.11
C ASN B 468 -37.68 -13.71 3.95
N ASP B 469 -37.78 -15.04 3.88
CA ASP B 469 -37.03 -15.82 2.90
C ASP B 469 -37.61 -15.73 1.50
N GLU B 470 -38.91 -15.52 1.40
CA GLU B 470 -39.53 -15.39 0.09
C GLU B 470 -38.98 -14.14 -0.62
N VAL B 471 -38.83 -13.05 0.11
CA VAL B 471 -38.24 -11.84 -0.47
C VAL B 471 -36.84 -12.13 -1.03
N VAL B 472 -36.03 -12.86 -0.29
CA VAL B 472 -34.72 -13.30 -0.80
C VAL B 472 -34.87 -14.05 -2.12
N GLU B 473 -35.80 -14.99 -2.18
CA GLU B 473 -36.02 -15.75 -3.40
C GLU B 473 -36.43 -14.84 -4.55
N LEU B 474 -37.26 -13.85 -4.25
CA LEU B 474 -37.74 -12.93 -5.28
C LEU B 474 -36.62 -12.04 -5.79
N LEU B 475 -35.76 -11.59 -4.89
CA LEU B 475 -34.65 -10.73 -5.28
C LEU B 475 -33.68 -11.54 -6.14
N ASP B 476 -33.53 -12.81 -5.80
CA ASP B 476 -32.61 -13.69 -6.52
C ASP B 476 -33.05 -13.99 -7.95
N LYS B 477 -34.34 -13.88 -8.23
CA LYS B 477 -34.85 -14.19 -9.57
C LYS B 477 -35.27 -12.96 -10.36
N ALA B 478 -35.44 -11.83 -9.66
CA ALA B 478 -35.96 -10.61 -10.28
C ALA B 478 -35.17 -10.15 -11.50
N VAL B 479 -33.85 -10.35 -11.49
CA VAL B 479 -33.02 -9.91 -12.62
C VAL B 479 -32.11 -11.03 -13.14
N SER B 480 -32.65 -12.24 -13.19
CA SER B 480 -31.93 -13.37 -13.76
C SER B 480 -31.96 -13.30 -15.28
N THR B 481 -32.92 -12.54 -15.80
CA THR B 481 -32.94 -12.16 -17.21
C THR B 481 -33.28 -10.67 -17.26
N LEU B 482 -33.02 -10.02 -18.38
CA LEU B 482 -33.27 -8.59 -18.49
C LEU B 482 -34.66 -8.27 -19.04
N ASP B 483 -35.50 -9.29 -19.15
CA ASP B 483 -36.90 -9.12 -19.51
C ASP B 483 -37.63 -8.37 -18.40
N PRO B 484 -38.14 -7.17 -18.70
CA PRO B 484 -38.78 -6.29 -17.71
C PRO B 484 -39.98 -6.93 -17.03
N GLU B 485 -40.58 -7.93 -17.67
CA GLU B 485 -41.76 -8.58 -17.10
C GLU B 485 -41.37 -9.49 -15.95
N VAL B 486 -40.20 -10.10 -16.02
CA VAL B 486 -39.67 -10.92 -14.94
C VAL B 486 -39.48 -10.03 -13.71
N ARG B 487 -38.78 -8.92 -13.92
CA ARG B 487 -38.58 -7.88 -12.93
C ARG B 487 -39.91 -7.44 -12.32
N LYS B 488 -40.83 -7.02 -13.19
CA LYS B 488 -42.12 -6.51 -12.75
C LYS B 488 -42.90 -7.50 -11.88
N GLN B 489 -42.96 -8.75 -12.29
CA GLN B 489 -43.71 -9.74 -11.53
C GLN B 489 -43.11 -9.97 -10.14
N ALA B 490 -41.79 -9.90 -10.04
CA ALA B 490 -41.14 -10.04 -8.74
C ALA B 490 -41.49 -8.84 -7.86
N TYR B 491 -41.43 -7.65 -8.45
CA TYR B 491 -41.75 -6.43 -7.71
C TYR B 491 -43.19 -6.50 -7.19
N PHE B 492 -44.09 -6.99 -8.04
CA PHE B 492 -45.51 -7.08 -7.70
C PHE B 492 -45.74 -7.99 -6.50
N ARG B 493 -45.07 -9.13 -6.48
CA ARG B 493 -45.20 -10.04 -5.35
C ARG B 493 -44.58 -9.45 -4.10
N ILE B 494 -43.44 -8.77 -4.26
CA ILE B 494 -42.84 -8.10 -3.13
C ILE B 494 -43.80 -7.05 -2.53
N GLN B 495 -44.54 -6.36 -3.38
CA GLN B 495 -45.53 -5.39 -2.93
C GLN B 495 -46.64 -6.05 -2.10
N GLN B 496 -47.11 -7.22 -2.53
CA GLN B 496 -48.11 -7.96 -1.75
C GLN B 496 -47.55 -8.27 -0.37
N ILE B 497 -46.27 -8.63 -0.33
CA ILE B 497 -45.62 -9.00 0.92
C ILE B 497 -45.47 -7.77 1.81
N ILE B 498 -45.12 -6.63 1.21
CA ILE B 498 -45.02 -5.39 1.96
C ILE B 498 -46.35 -5.03 2.63
N TYR B 499 -47.45 -5.11 1.89
CA TYR B 499 -48.73 -4.68 2.45
C TYR B 499 -49.19 -5.66 3.53
N ARG B 500 -48.80 -6.92 3.41
CA ARG B 500 -49.10 -7.92 4.40
C ARG B 500 -48.31 -7.76 5.70
N ASP B 501 -47.01 -7.50 5.57
CA ASP B 501 -46.09 -7.52 6.70
C ASP B 501 -45.74 -6.14 7.25
N MET B 502 -46.01 -5.10 6.46
CA MET B 502 -45.56 -3.72 6.77
C MET B 502 -44.21 -3.71 7.50
N PRO B 503 -43.15 -4.19 6.83
CA PRO B 503 -41.85 -4.39 7.49
C PRO B 503 -41.35 -3.08 8.07
N SER B 504 -41.59 -2.00 7.34
CA SER B 504 -41.43 -0.63 7.81
C SER B 504 -42.22 0.23 6.85
N ILE B 505 -42.40 1.50 7.18
CA ILE B 505 -43.43 2.30 6.53
C ILE B 505 -42.82 3.39 5.66
N PRO B 506 -42.98 3.26 4.33
CA PRO B 506 -42.52 4.33 3.44
C PRO B 506 -43.42 5.54 3.67
N ALA B 507 -42.84 6.67 4.04
CA ALA B 507 -43.65 7.79 4.52
C ALA B 507 -43.65 8.99 3.58
N PHE B 508 -42.47 9.42 3.15
CA PHE B 508 -42.40 10.59 2.28
C PHE B 508 -41.17 10.52 1.39
N TYR B 509 -41.16 11.30 0.33
CA TYR B 509 -39.98 11.39 -0.52
C TYR B 509 -39.07 12.46 0.07
N THR B 510 -37.91 12.05 0.54
CA THR B 510 -36.97 12.95 1.18
C THR B 510 -36.44 13.98 0.20
N ALA B 511 -36.29 15.20 0.67
CA ALA B 511 -35.73 16.25 -0.14
C ALA B 511 -34.22 16.13 -0.23
N HIS B 512 -33.69 16.32 -1.43
CA HIS B 512 -32.25 16.41 -1.66
C HIS B 512 -31.84 17.82 -1.20
N TRP B 513 -31.73 18.02 0.12
CA TRP B 513 -31.42 19.36 0.65
C TRP B 513 -30.19 19.94 -0.04
N TYR B 514 -30.35 21.15 -0.57
CA TYR B 514 -29.29 21.75 -1.35
C TYR B 514 -29.57 23.23 -1.47
N GLU B 515 -28.70 24.04 -0.86
CA GLU B 515 -28.77 25.50 -0.97
C GLU B 515 -27.35 26.00 -1.17
N TYR B 516 -27.19 27.10 -1.89
CA TYR B 516 -25.87 27.64 -2.14
C TYR B 516 -25.85 29.15 -1.92
N SER B 517 -24.67 29.66 -1.63
CA SER B 517 -24.44 31.09 -1.58
C SER B 517 -23.56 31.43 -2.79
N THR B 518 -23.85 32.54 -3.44
CA THR B 518 -23.04 32.95 -4.59
C THR B 518 -22.06 34.05 -4.21
N LYS B 519 -21.84 34.23 -2.91
CA LYS B 519 -20.98 35.31 -2.44
C LYS B 519 -19.54 35.13 -2.87
N TYR B 520 -19.03 33.90 -2.74
CA TYR B 520 -17.64 33.59 -3.10
C TYR B 520 -17.52 32.56 -4.21
N TRP B 521 -18.55 31.74 -4.38
CA TRP B 521 -18.52 30.63 -5.33
C TRP B 521 -19.71 30.72 -6.28
N ILE B 522 -19.46 30.48 -7.56
CA ILE B 522 -20.49 30.62 -8.58
C ILE B 522 -20.61 29.38 -9.46
N ASN B 523 -21.63 29.38 -10.31
CA ASN B 523 -21.96 28.29 -11.21
C ASN B 523 -22.38 26.99 -10.52
N TRP B 524 -22.98 27.15 -9.35
CA TRP B 524 -23.64 26.02 -8.67
C TRP B 524 -24.65 25.34 -9.58
N PRO B 525 -24.70 24.00 -9.56
CA PRO B 525 -25.76 23.32 -10.32
C PRO B 525 -27.16 23.77 -9.89
N SER B 526 -28.09 23.83 -10.84
CA SER B 526 -29.48 24.18 -10.55
C SER B 526 -30.34 23.87 -11.77
N GLU B 527 -31.63 24.19 -11.70
CA GLU B 527 -32.53 23.90 -12.81
C GLU B 527 -32.06 24.64 -14.06
N ASP B 528 -31.49 25.82 -13.86
CA ASP B 528 -30.99 26.64 -14.96
C ASP B 528 -29.60 26.21 -15.42
N ASN B 529 -28.88 25.49 -14.57
CA ASN B 529 -27.56 24.96 -14.91
C ASN B 529 -27.42 23.54 -14.40
N PRO B 530 -28.15 22.60 -15.00
CA PRO B 530 -28.26 21.24 -14.46
C PRO B 530 -27.04 20.37 -14.78
N ALA B 531 -25.86 20.82 -14.36
CA ALA B 531 -24.59 20.18 -14.71
C ALA B 531 -24.37 18.88 -13.96
N TRP B 532 -24.94 18.78 -12.76
CA TRP B 532 -24.81 17.60 -11.92
C TRP B 532 -26.06 17.51 -11.05
N PHE B 533 -26.69 16.34 -11.05
CA PHE B 533 -28.02 16.17 -10.46
C PHE B 533 -28.00 15.67 -9.01
N ARG B 534 -26.79 15.40 -8.48
CA ARG B 534 -26.65 15.08 -7.06
C ARG B 534 -25.69 16.05 -6.34
N PRO B 535 -26.05 17.34 -6.27
CA PRO B 535 -25.12 18.32 -5.71
C PRO B 535 -25.15 18.48 -4.18
N SER B 536 -26.06 17.80 -3.47
CA SER B 536 -26.10 17.98 -2.02
C SER B 536 -24.78 17.55 -1.39
N PRO B 537 -24.25 18.36 -0.47
CA PRO B 537 -22.90 18.07 0.06
C PRO B 537 -22.80 16.77 0.86
N TRP B 538 -23.91 16.24 1.36
CA TRP B 538 -23.86 14.96 2.04
C TRP B 538 -24.02 13.77 1.12
N HIS B 539 -24.40 14.00 -0.13
CA HIS B 539 -24.68 12.87 -1.01
C HIS B 539 -23.45 12.06 -1.38
N ALA B 540 -23.61 10.75 -1.42
CA ALA B 540 -22.52 9.85 -1.81
C ALA B 540 -21.85 10.28 -3.11
N ASP B 541 -22.63 10.91 -3.99
CA ASP B 541 -22.20 11.22 -5.34
C ASP B 541 -22.02 12.72 -5.59
N ALA B 542 -21.73 13.46 -4.52
CA ALA B 542 -21.60 14.93 -4.61
C ALA B 542 -20.36 15.46 -5.32
N TRP B 543 -19.30 14.67 -5.39
CA TRP B 543 -18.00 15.23 -5.71
C TRP B 543 -17.88 16.07 -7.01
N PRO B 544 -18.59 15.69 -8.08
CA PRO B 544 -18.39 16.50 -9.29
C PRO B 544 -18.77 17.97 -9.11
N THR B 545 -19.64 18.26 -8.14
CA THR B 545 -20.05 19.62 -7.85
C THR B 545 -18.82 20.52 -7.66
N LEU B 546 -17.78 19.97 -7.04
CA LEU B 546 -16.58 20.75 -6.69
C LEU B 546 -15.72 21.06 -7.91
N PHE B 547 -15.97 20.36 -9.01
CA PHE B 547 -15.26 20.61 -10.27
C PHE B 547 -16.03 21.59 -11.17
N ILE B 548 -17.30 21.80 -10.84
CA ILE B 548 -18.21 22.60 -11.66
C ILE B 548 -18.20 24.06 -11.22
N ILE B 549 -18.20 24.28 -9.92
CA ILE B 549 -18.22 25.64 -9.40
C ILE B 549 -16.86 26.31 -9.61
N SER B 550 -16.82 27.64 -9.50
CA SER B 550 -15.53 28.31 -9.47
C SER B 550 -15.61 29.56 -8.63
N LYS B 551 -14.46 30.18 -8.37
CA LYS B 551 -14.41 31.41 -7.59
C LYS B 551 -15.07 32.52 -8.37
N LYS B 552 -15.81 33.37 -7.66
CA LYS B 552 -16.41 34.52 -8.30
C LYS B 552 -15.33 35.39 -8.96
N SER B 553 -14.19 35.51 -8.29
CA SER B 553 -13.10 36.37 -8.78
C SER B 553 -12.19 35.68 -9.79
N ASP B 554 -12.47 34.41 -10.10
CA ASP B 554 -11.61 33.66 -11.02
C ASP B 554 -12.43 32.57 -11.73
N PRO B 555 -13.42 33.00 -12.52
CA PRO B 555 -14.34 32.05 -13.18
C PRO B 555 -13.65 31.07 -14.12
N GLN B 556 -14.09 29.82 -14.09
CA GLN B 556 -13.51 28.77 -14.93
C GLN B 556 -14.59 28.09 -15.76
N PRO B 557 -14.20 27.47 -16.89
CA PRO B 557 -15.19 26.85 -17.76
C PRO B 557 -15.78 25.55 -17.20
N VAL B 558 -16.85 25.07 -17.82
CA VAL B 558 -17.46 23.80 -17.45
C VAL B 558 -16.47 22.66 -17.69
N PRO B 559 -16.42 21.68 -16.77
CA PRO B 559 -15.53 20.55 -17.01
C PRO B 559 -15.85 19.89 -18.34
N SER B 560 -14.82 19.67 -19.15
CA SER B 560 -14.97 19.12 -20.48
C SER B 560 -15.44 17.67 -20.48
N TRP B 561 -15.23 16.97 -19.36
CA TRP B 561 -15.54 15.55 -19.29
C TRP B 561 -17.01 15.22 -18.97
N LEU B 562 -17.75 16.21 -18.47
CA LEU B 562 -19.18 16.01 -18.24
C LEU B 562 -19.89 15.86 -19.58
N GLY B 563 -20.90 14.99 -19.60
CA GLY B 563 -21.63 14.69 -20.83
C GLY B 563 -21.27 13.32 -21.35
N THR B 564 -22.18 12.73 -22.12
CA THR B 564 -21.92 11.43 -22.72
C THR B 564 -20.83 11.54 -23.78
N VAL B 565 -20.28 10.40 -24.17
CA VAL B 565 -19.25 10.37 -25.19
C VAL B 565 -19.72 11.04 -26.49
N ASP B 566 -20.96 10.77 -26.88
CA ASP B 566 -21.49 11.34 -28.12
C ASP B 566 -21.67 12.86 -28.02
N GLU B 567 -21.78 13.37 -26.80
CA GLU B 567 -21.94 14.80 -26.57
C GLU B 567 -20.60 15.52 -26.44
N GLY B 568 -19.52 14.76 -26.31
CA GLY B 568 -18.20 15.33 -26.19
C GLY B 568 -17.56 15.11 -24.83
N GLY B 569 -18.30 14.49 -23.91
CA GLY B 569 -17.78 14.15 -22.61
C GLY B 569 -17.26 12.74 -22.60
N ILE B 570 -17.10 12.15 -21.41
CA ILE B 570 -16.54 10.80 -21.31
C ILE B 570 -17.53 9.80 -20.69
N GLU B 571 -18.75 10.25 -20.43
CA GLU B 571 -19.72 9.38 -19.74
C GLU B 571 -20.34 8.34 -20.66
N ILE B 572 -20.53 7.15 -20.12
CA ILE B 572 -21.10 6.04 -20.88
C ILE B 572 -22.55 5.81 -20.47
N PRO B 573 -23.49 5.94 -21.43
CA PRO B 573 -24.90 5.72 -21.12
C PRO B 573 -25.14 4.30 -20.60
N THR B 574 -26.05 4.16 -19.65
CA THR B 574 -26.41 2.86 -19.12
C THR B 574 -26.86 1.92 -20.23
N ALA B 575 -27.60 2.45 -21.20
CA ALA B 575 -28.07 1.67 -22.33
C ALA B 575 -26.92 1.02 -23.09
N LYS B 576 -25.81 1.73 -23.21
CA LYS B 576 -24.64 1.21 -23.92
C LYS B 576 -24.05 0.02 -23.18
N ILE B 577 -24.00 0.11 -21.85
CA ILE B 577 -23.48 -0.98 -21.03
C ILE B 577 -24.34 -2.23 -21.17
N PHE B 578 -25.65 -2.05 -21.15
CA PHE B 578 -26.55 -3.19 -21.35
C PHE B 578 -26.47 -3.76 -22.77
N GLU B 579 -26.25 -2.88 -23.74
CA GLU B 579 -26.02 -3.33 -25.11
C GLU B 579 -24.81 -4.24 -25.17
N ASP B 580 -23.72 -3.79 -24.56
CA ASP B 580 -22.48 -4.55 -24.56
C ASP B 580 -22.64 -5.87 -23.83
N LEU B 581 -23.39 -5.85 -22.74
CA LEU B 581 -23.66 -7.05 -21.97
C LEU B 581 -24.40 -8.07 -22.84
N GLN B 582 -25.42 -7.59 -23.54
CA GLN B 582 -26.24 -8.46 -24.38
C GLN B 582 -25.43 -9.01 -25.56
N LYS B 583 -24.57 -8.16 -26.12
CA LYS B 583 -23.69 -8.56 -27.20
C LYS B 583 -22.80 -9.73 -26.78
N ALA B 584 -22.42 -9.74 -25.50
CA ALA B 584 -21.47 -10.71 -25.00
C ALA B 584 -22.08 -12.06 -24.65
N THR B 585 -23.39 -12.21 -24.86
CA THR B 585 -24.03 -13.47 -24.49
C THR B 585 -23.47 -14.66 -25.27
C2 BGC C . 34.40 -6.73 -7.76
C3 BGC C . 33.36 -7.06 -6.71
C4 BGC C . 33.88 -8.01 -5.65
C5 BGC C . 35.37 -7.94 -5.33
C6 BGC C . 35.86 -9.28 -4.80
C1 BGC C . 35.72 -6.38 -7.09
O1 BGC C . 36.63 -6.01 -8.12
O2 BGC C . 33.94 -5.60 -8.52
O3 BGC C . 32.24 -7.65 -7.38
O4 BGC C . 33.20 -7.70 -4.43
O5 BGC C . 36.15 -7.59 -6.47
O6 BGC C . 37.00 -9.04 -3.97
C2 BGC C . 31.27 -8.62 -2.97
C3 BGC C . 29.93 -9.22 -2.67
C4 BGC C . 28.94 -8.67 -3.67
C5 BGC C . 29.37 -8.52 -5.14
C6 BGC C . 28.42 -7.71 -6.01
C1 BGC C . 31.41 -8.93 -4.45
O2 BGC C . 32.28 -9.27 -2.20
O3 BGC C . 29.52 -8.93 -1.33
O4 BGC C . 27.99 -9.72 -3.67
O5 BGC C . 30.67 -7.97 -5.18
O6 BGC C . 28.20 -6.42 -5.43
C2 BGC C . 25.44 -9.79 -4.02
C3 BGC C . 24.04 -9.27 -3.81
C4 BGC C . 23.96 -8.65 -2.42
C5 BGC C . 25.09 -7.71 -2.01
C6 BGC C . 25.00 -7.23 -0.57
C1 BGC C . 26.24 -8.56 -3.68
O2 BGC C . 25.66 -10.12 -5.38
O3 BGC C . 23.16 -10.37 -3.98
O4 BGC C . 22.88 -7.74 -2.45
O5 BGC C . 26.28 -8.42 -2.26
O6 BGC C . 25.05 -8.32 0.37
C2 BGC C . 20.50 -7.36 -1.64
C3 BGC C . 19.16 -7.95 -1.34
C4 BGC C . 18.77 -8.79 -2.53
C5 BGC C . 19.79 -9.76 -3.10
C6 BGC C . 19.35 -10.34 -4.44
C1 BGC C . 21.27 -8.62 -1.93
O2 BGC C . 21.00 -6.71 -0.48
O3 BGC C . 18.25 -6.88 -1.11
O4 BGC C . 17.70 -9.58 -2.01
O5 BGC C . 21.00 -9.03 -3.26
O6 BGC C . 20.25 -11.38 -4.85
C2 BGC C . 15.22 -10.09 -2.62
C3 BGC C . 13.87 -9.55 -3.01
C4 BGC C . 13.67 -8.13 -2.47
C5 BGC C . 14.86 -7.23 -2.79
C6 BGC C . 14.76 -5.83 -2.16
C1 BGC C . 16.13 -9.05 -3.21
O2 BGC C . 15.51 -11.30 -3.29
O3 BGC C . 12.86 -10.43 -2.50
O4 BGC C . 12.53 -7.58 -3.08
O5 BGC C . 16.01 -7.90 -2.35
O6 BGC C . 14.70 -5.87 -0.74
C2 BGC D . -22.11 -0.04 3.75
C3 BGC D . -22.80 1.22 3.25
C4 BGC D . -22.32 1.62 1.85
C5 BGC D . -21.83 0.52 0.92
C6 BGC D . -20.81 1.11 -0.04
C1 BGC D . -22.11 -1.07 2.63
O1 BGC D . -21.52 -2.25 3.17
O2 BGC D . -22.83 -0.57 4.87
O3 BGC D . -22.53 2.27 4.17
O4 BGC D . -23.44 2.23 1.19
O5 BGC D . -21.25 -0.56 1.62
O6 BGC D . -20.79 0.33 -1.25
C2 BGC D . -24.14 4.71 0.54
C3 BGC D . -24.38 6.16 0.79
C4 BGC D . -24.84 6.33 2.23
C5 BGC D . -24.10 5.53 3.30
C6 BGC D . -24.72 5.58 4.70
C1 BGC D . -23.20 4.34 1.67
O2 BGC D . -23.49 4.56 -0.72
O3 BGC D . -25.37 6.66 -0.11
O4 BGC D . -24.48 7.69 2.41
O5 BGC D . -23.97 4.20 2.86
O6 BGC D . -26.09 5.17 4.70
C2 BGC D . -25.29 9.60 3.98
C3 BGC D . -26.42 10.39 4.58
C4 BGC D . -27.55 10.51 3.58
C5 BGC D . -27.95 9.22 2.86
C6 BGC D . -29.03 9.42 1.79
C1 BGC D . -26.03 8.37 3.53
O2 BGC D . -24.35 9.25 4.99
O3 BGC D . -25.88 11.65 4.97
O4 BGC D . -28.69 10.75 4.39
O5 BGC D . -26.75 8.69 2.33
O6 BGC D . -28.57 10.19 0.67
C2 BGC D . -30.46 12.62 4.55
C3 BGC D . -30.73 14.07 4.85
C4 BGC D . -29.73 14.54 5.90
C5 BGC D . -28.27 14.17 5.66
C6 BGC D . -27.39 14.51 6.87
C1 BGC D . -29.00 12.71 4.17
O2 BGC D . -31.28 12.23 3.45
O3 BGC D . -32.07 14.20 5.30
O4 BGC D . -29.83 15.95 5.83
O5 BGC D . -28.24 12.78 5.39
O6 BGC D . -26.03 14.22 6.56
C2 BGC D . -30.23 18.01 7.38
C3 BGC D . -31.07 18.67 8.45
C4 BGC D . -32.51 18.15 8.36
C5 BGC D . -32.54 16.63 8.35
C6 BGC D . -33.92 16.02 8.14
C1 BGC D . -30.38 16.55 7.72
O2 BGC D . -28.86 18.36 7.52
O3 BGC D . -31.04 20.08 8.25
O4 BGC D . -33.19 18.58 9.52
O5 BGC D . -31.70 16.19 7.31
O6 BGC D . -34.50 16.50 6.92
#